data_4HGK
#
_entry.id   4HGK
#
_cell.length_a   127.980
_cell.length_b   127.980
_cell.length_c   151.760
_cell.angle_alpha   90.00
_cell.angle_beta   90.00
_cell.angle_gamma   120.00
#
_symmetry.space_group_name_H-M   'P 32 2 1'
#
loop_
_entity.id
_entity.type
_entity.pdbx_description
1 polymer 'Serum albumin'
2 polymer 'shark V-NAR antibody'
3 water water
#
loop_
_entity_poly.entity_id
_entity_poly.type
_entity_poly.pdbx_seq_one_letter_code
_entity_poly.pdbx_strand_id
1 'polypeptide(L)'
;DAHKSEVAHRFKDLGEENFKALVLIAFAQYLQQCPFEDHVKLVNEVTEFAKTCVADESAENCDKSLHTLFGDKLCTVATL
RETYGEMADCCAKQEPERNECFLQHKDDNPNLPRLVRPEVDVMCTAFHDNEETFLKKYLYEIARRHPYFYAPELLFFAKR
YKAAFTECCQAADKAACLLPKLDELRDEGKASSAKQRLKCASLQKFGERAFKAWAVARLSQRFPKAEFAEVSKLVTDLTK
VHTECCHGDLLECADDRADLAKYICENQDSISSKLKECCEKPLLEKSHCIAEVENDEMPADLPSLAADFVESKDVCKNYA
EAKDVFLGMFLYEYARRHPDYSVVLLLRLAKTYETTLEKCCAAADPHECYAKVFDEFKPLVEEPQNLIKQNCELFEQLGE
YKFQNALLVRYTKKVPQVSTPTLVEVSRNLGKVGSKCCKHPEAKRMPCAEDYLSVVLNQLCVLHEKTPVSDRVTKCCTES
LVNRRPCFSALEVDETYVPKEFNAETFTFHADICTLSEKERQIKKQTALVELVKHKPKATKEQLKAVMDDFAAFVEKCCK
ADDKETCFAEEGKKLVAASQAALGL
;
A,B
2 'polypeptide(L)'
;MGWSCIILFLVATATGAHSTRVDQTPRTATRETGESLTINCVLTDTSYPLYSTYWYRKNPGSSNKEQISISGRYVESVNK
GTKSFSLRIKDLTVADSATYICRAMGTNIWTGDGAGTVLTVNHHHHHH
;
C,D
#
# COMPACT_ATOMS: atom_id res chain seq x y z
N LYS A 4 -3.61 35.35 23.70
CA LYS A 4 -2.71 34.23 23.69
C LYS A 4 -2.96 33.28 22.50
N SER A 5 -1.88 33.05 21.76
CA SER A 5 -1.87 32.14 20.63
C SER A 5 -0.92 30.99 20.95
N GLU A 6 -1.49 29.81 21.25
CA GLU A 6 -0.69 28.62 21.52
C GLU A 6 0.20 28.26 20.35
N VAL A 7 -0.36 28.27 19.13
CA VAL A 7 0.35 27.97 17.89
C VAL A 7 1.56 28.91 17.77
N ALA A 8 1.35 30.20 18.05
CA ALA A 8 2.42 31.20 17.96
C ALA A 8 3.50 30.88 18.99
N HIS A 9 3.08 30.57 20.24
CA HIS A 9 4.05 30.22 21.28
C HIS A 9 4.86 29.00 20.87
N ARG A 10 4.19 27.97 20.34
CA ARG A 10 4.85 26.73 19.94
C ARG A 10 5.79 26.93 18.79
N PHE A 11 5.40 27.78 17.84
CA PHE A 11 6.23 28.11 16.67
C PHE A 11 7.49 28.82 17.11
N LYS A 12 7.35 29.82 18.00
CA LYS A 12 8.44 30.63 18.51
C LYS A 12 9.45 29.78 19.26
N ASP A 13 8.96 28.85 20.07
CA ASP A 13 9.84 28.01 20.88
C ASP A 13 10.51 26.92 20.07
N LEU A 14 9.74 26.22 19.25
CA LEU A 14 10.25 25.09 18.47
C LEU A 14 11.11 25.49 17.28
N GLY A 15 10.75 26.61 16.66
CA GLY A 15 11.38 27.08 15.44
C GLY A 15 10.63 26.48 14.28
N GLU A 16 10.60 27.20 13.13
CA GLU A 16 9.87 26.77 11.93
C GLU A 16 10.13 25.33 11.49
N GLU A 17 11.39 24.97 11.31
CA GLU A 17 11.79 23.64 10.83
C GLU A 17 11.24 22.51 11.71
N ASN A 18 11.40 22.60 13.04
CA ASN A 18 10.90 21.59 13.94
C ASN A 18 9.38 21.61 14.01
N PHE A 19 8.77 22.80 13.98
CA PHE A 19 7.32 22.95 14.00
C PHE A 19 6.71 22.19 12.80
N LYS A 20 7.27 22.43 11.61
CA LYS A 20 6.80 21.79 10.37
C LYS A 20 6.92 20.28 10.39
N ALA A 21 8.06 19.78 10.93
CA ALA A 21 8.31 18.35 11.02
C ALA A 21 7.32 17.71 11.98
N LEU A 22 7.08 18.35 13.13
CA LEU A 22 6.16 17.83 14.14
C LEU A 22 4.73 17.80 13.68
N VAL A 23 4.32 18.84 12.92
CA VAL A 23 2.96 18.91 12.36
C VAL A 23 2.81 17.76 11.35
N LEU A 24 3.86 17.53 10.55
CA LEU A 24 3.86 16.45 9.58
C LEU A 24 3.69 15.09 10.25
N ILE A 25 4.48 14.84 11.31
CA ILE A 25 4.40 13.60 12.06
C ILE A 25 2.99 13.44 12.63
N ALA A 26 2.48 14.49 13.27
CA ALA A 26 1.16 14.48 13.88
C ALA A 26 0.09 14.06 12.89
N PHE A 27 0.07 14.71 11.70
CA PHE A 27 -0.92 14.37 10.67
C PHE A 27 -0.75 12.95 10.16
N ALA A 28 0.51 12.56 9.88
CA ALA A 28 0.81 11.24 9.37
C ALA A 28 0.44 10.14 10.35
N GLN A 29 0.51 10.42 11.65
CA GLN A 29 0.19 9.44 12.67
C GLN A 29 -1.31 9.22 12.83
N TYR A 30 -2.11 10.16 12.30
CA TYR A 30 -3.56 10.08 12.33
C TYR A 30 -4.09 9.65 10.95
N LEU A 31 -3.70 10.39 9.91
CA LEU A 31 -4.10 10.10 8.54
C LEU A 31 -3.09 9.18 7.90
N GLN A 32 -2.87 8.04 8.55
CA GLN A 32 -1.95 7.01 8.12
C GLN A 32 -2.14 6.54 6.66
N GLN A 33 -3.36 6.68 6.11
CA GLN A 33 -3.71 6.26 4.75
C GLN A 33 -3.51 7.34 3.67
N CYS A 34 -3.48 8.61 4.06
CA CYS A 34 -3.35 9.70 3.10
C CYS A 34 -1.98 9.84 2.45
N PRO A 35 -1.98 10.24 1.15
CA PRO A 35 -0.71 10.44 0.42
C PRO A 35 0.16 11.55 0.97
N PHE A 36 1.47 11.44 0.72
CA PHE A 36 2.46 12.39 1.18
C PHE A 36 2.09 13.82 0.80
N GLU A 37 1.72 14.02 -0.45
CA GLU A 37 1.36 15.32 -1.00
C GLU A 37 0.21 15.95 -0.25
N ASP A 38 -0.78 15.14 0.19
CA ASP A 38 -1.91 15.62 0.97
C ASP A 38 -1.42 16.25 2.29
N HIS A 39 -0.51 15.53 2.96
CA HIS A 39 0.07 15.94 4.21
C HIS A 39 0.90 17.20 4.04
N VAL A 40 1.67 17.29 2.94
CA VAL A 40 2.51 18.46 2.67
C VAL A 40 1.66 19.69 2.60
N LYS A 41 0.54 19.58 1.84
CA LYS A 41 -0.38 20.69 1.63
C LYS A 41 -0.90 21.16 2.99
N LEU A 42 -1.35 20.21 3.81
CA LEU A 42 -1.88 20.49 5.14
C LEU A 42 -0.83 21.22 5.98
N VAL A 43 0.40 20.68 6.03
CA VAL A 43 1.50 21.27 6.82
C VAL A 43 1.80 22.71 6.43
N ASN A 44 1.92 22.96 5.13
CA ASN A 44 2.22 24.29 4.61
C ASN A 44 1.13 25.29 4.95
N GLU A 45 -0.12 24.85 4.84
CA GLU A 45 -1.26 25.69 5.17
C GLU A 45 -1.23 26.03 6.65
N VAL A 46 -1.03 25.02 7.52
CA VAL A 46 -0.93 25.21 8.98
C VAL A 46 0.21 26.17 9.31
N THR A 47 1.38 25.96 8.71
CA THR A 47 2.57 26.76 8.95
C THR A 47 2.39 28.21 8.54
N GLU A 48 1.75 28.44 7.39
CA GLU A 48 1.51 29.79 6.89
C GLU A 48 0.59 30.54 7.85
N PHE A 49 -0.41 29.84 8.37
CA PHE A 49 -1.34 30.40 9.34
C PHE A 49 -0.60 30.71 10.63
N ALA A 50 0.19 29.75 11.13
CA ALA A 50 1.00 29.93 12.35
C ALA A 50 1.82 31.22 12.25
N LYS A 51 2.41 31.48 11.08
CA LYS A 51 3.21 32.66 10.85
C LYS A 51 2.43 33.97 11.03
N THR A 52 1.12 33.98 10.65
CA THR A 52 0.28 35.17 10.83
C THR A 52 0.10 35.41 12.31
N CYS A 53 -0.01 34.32 13.07
CA CYS A 53 -0.16 34.33 14.53
C CYS A 53 1.10 34.82 15.19
N VAL A 54 2.25 34.43 14.66
CA VAL A 54 3.55 34.83 15.17
C VAL A 54 3.66 36.34 15.01
N ALA A 55 3.30 36.84 13.81
CA ALA A 55 3.33 38.27 13.51
C ALA A 55 2.33 39.03 14.37
N ASP A 56 1.16 38.43 14.62
CA ASP A 56 0.11 39.05 15.42
C ASP A 56 -0.78 38.02 16.09
N GLU A 57 -0.64 37.88 17.42
CA GLU A 57 -1.40 36.91 18.22
C GLU A 57 -2.91 37.17 18.18
N SER A 58 -3.27 38.42 17.81
CA SER A 58 -4.64 38.87 17.70
C SER A 58 -5.27 38.57 16.35
N ALA A 59 -4.47 38.03 15.41
CA ALA A 59 -4.98 37.66 14.09
C ALA A 59 -6.07 36.61 14.25
N GLU A 60 -7.03 36.62 13.33
CA GLU A 60 -8.18 35.74 13.41
C GLU A 60 -7.85 34.28 13.53
N ASN A 61 -8.52 33.61 14.46
CA ASN A 61 -8.38 32.19 14.78
C ASN A 61 -7.12 31.82 15.54
N CYS A 62 -6.19 32.76 15.69
CA CYS A 62 -4.93 32.51 16.36
C CYS A 62 -5.06 32.09 17.84
N ASP A 63 -6.16 32.46 18.46
CA ASP A 63 -6.39 32.15 19.87
C ASP A 63 -7.01 30.75 20.13
N LYS A 64 -7.35 30.02 19.06
CA LYS A 64 -7.98 28.69 19.14
C LYS A 64 -6.99 27.67 19.62
N SER A 65 -7.48 26.60 20.29
CA SER A 65 -6.61 25.55 20.80
C SER A 65 -5.99 24.78 19.66
N LEU A 66 -4.87 24.11 19.94
CA LEU A 66 -4.16 23.32 18.95
C LEU A 66 -5.04 22.19 18.48
N HIS A 67 -5.74 21.52 19.40
CA HIS A 67 -6.63 20.43 19.06
C HIS A 67 -7.75 20.89 18.14
N THR A 68 -8.36 22.06 18.44
CA THR A 68 -9.41 22.64 17.60
C THR A 68 -8.89 22.84 16.19
N LEU A 69 -7.79 23.59 16.06
CA LEU A 69 -7.16 23.90 14.78
C LEU A 69 -6.75 22.65 14.02
N PHE A 70 -6.11 21.69 14.71
CA PHE A 70 -5.66 20.44 14.10
C PHE A 70 -6.80 19.60 13.63
N GLY A 71 -7.82 19.43 14.46
CA GLY A 71 -9.00 18.66 14.11
C GLY A 71 -9.71 19.23 12.90
N ASP A 72 -9.85 20.56 12.87
CA ASP A 72 -10.49 21.28 11.76
C ASP A 72 -9.72 21.02 10.47
N LYS A 73 -8.38 21.06 10.55
CA LYS A 73 -7.52 20.81 9.39
C LYS A 73 -7.63 19.38 8.90
N LEU A 74 -7.68 18.45 9.82
CA LEU A 74 -7.79 17.05 9.44
C LEU A 74 -9.17 16.83 8.95
N CYS A 75 -10.13 17.29 9.73
CA CYS A 75 -11.52 17.02 9.46
C CYS A 75 -11.94 17.60 8.11
N THR A 76 -11.29 18.68 7.70
CA THR A 76 -11.63 19.31 6.43
C THR A 76 -11.37 18.33 5.29
N VAL A 77 -10.26 17.62 5.40
CA VAL A 77 -9.88 16.59 4.46
C VAL A 77 -10.81 15.38 4.50
N ALA A 78 -11.17 14.95 5.69
CA ALA A 78 -11.94 13.73 5.85
C ALA A 78 -13.32 13.75 5.22
N THR A 79 -14.04 14.84 5.43
CA THR A 79 -15.37 14.97 4.85
C THR A 79 -15.11 14.89 3.36
N LEU A 80 -14.03 15.51 2.95
CA LEU A 80 -13.57 15.46 1.56
C LEU A 80 -12.35 14.54 1.52
N GLY A 85 -13.33 5.38 5.95
CA GLY A 85 -14.47 4.93 6.71
C GLY A 85 -14.70 5.65 8.03
N GLU A 86 -14.46 4.94 9.15
CA GLU A 86 -14.64 5.38 10.55
C GLU A 86 -14.00 6.73 10.85
N MET A 87 -12.86 7.04 10.19
CA MET A 87 -12.13 8.31 10.37
C MET A 87 -13.07 9.46 10.14
N ALA A 88 -13.96 9.34 9.13
CA ALA A 88 -14.94 10.34 8.75
C ALA A 88 -15.89 10.62 9.91
N ASP A 89 -16.12 9.60 10.76
CA ASP A 89 -17.01 9.79 11.90
C ASP A 89 -16.41 10.73 12.93
N CYS A 90 -15.09 10.66 13.14
CA CYS A 90 -14.44 11.52 14.12
C CYS A 90 -14.60 12.98 13.77
N CYS A 91 -14.56 13.26 12.48
CA CYS A 91 -14.67 14.59 11.93
C CYS A 91 -16.03 15.24 12.22
N ALA A 92 -17.08 14.42 12.32
CA ALA A 92 -18.43 14.88 12.60
C ALA A 92 -18.64 15.22 14.09
N LYS A 93 -17.64 14.91 14.95
CA LYS A 93 -17.70 15.18 16.40
C LYS A 93 -17.06 16.52 16.74
N GLN A 94 -17.36 17.05 17.93
CA GLN A 94 -16.76 18.30 18.34
C GLN A 94 -15.70 18.08 19.42
N GLU A 95 -14.78 19.06 19.58
CA GLU A 95 -13.71 18.99 20.59
C GLU A 95 -14.36 19.05 21.99
N PRO A 96 -13.99 18.23 22.99
CA PRO A 96 -12.90 17.23 23.05
C PRO A 96 -13.19 15.83 22.54
N GLU A 97 -14.46 15.47 22.23
CA GLU A 97 -14.83 14.13 21.76
C GLU A 97 -14.11 13.78 20.47
N ARG A 98 -13.92 14.77 19.59
CA ARG A 98 -13.25 14.58 18.31
C ARG A 98 -11.82 14.08 18.49
N ASN A 99 -11.03 14.72 19.36
CA ASN A 99 -9.64 14.30 19.60
C ASN A 99 -9.58 12.87 20.14
N GLU A 100 -10.43 12.55 21.13
CA GLU A 100 -10.55 11.24 21.77
C GLU A 100 -10.84 10.20 20.69
N CYS A 101 -11.79 10.51 19.78
CA CYS A 101 -12.18 9.66 18.68
C CYS A 101 -11.00 9.37 17.78
N PHE A 102 -10.24 10.42 17.40
CA PHE A 102 -9.08 10.24 16.54
C PHE A 102 -8.05 9.37 17.23
N LEU A 103 -7.83 9.61 18.54
CA LEU A 103 -6.89 8.84 19.34
C LEU A 103 -7.22 7.36 19.37
N GLN A 104 -8.52 7.02 19.52
CA GLN A 104 -8.99 5.64 19.53
C GLN A 104 -8.83 4.96 18.16
N HIS A 105 -8.72 5.78 17.10
CA HIS A 105 -8.59 5.29 15.74
C HIS A 105 -7.16 5.15 15.23
N LYS A 106 -6.16 5.44 16.10
CA LYS A 106 -4.77 5.21 15.74
C LYS A 106 -4.63 3.72 15.87
N ASP A 107 -4.61 3.03 14.75
CA ASP A 107 -4.53 1.60 14.79
C ASP A 107 -3.08 1.28 14.61
N ASP A 108 -2.55 0.46 15.50
CA ASP A 108 -1.13 0.16 15.49
C ASP A 108 -0.71 -0.50 14.20
N ASN A 109 -1.50 -1.45 13.71
CA ASN A 109 -1.14 -2.15 12.49
C ASN A 109 -2.15 -2.28 11.33
N PRO A 110 -3.20 -1.46 11.20
CA PRO A 110 -4.10 -1.82 10.13
C PRO A 110 -2.98 -1.94 9.14
N ASN A 111 -2.92 -3.05 8.43
CA ASN A 111 -1.73 -3.33 7.70
C ASN A 111 -1.40 -2.39 6.56
N LEU A 112 -0.12 -2.06 6.51
CA LEU A 112 0.43 -1.23 5.47
C LEU A 112 1.60 -1.99 4.90
N PRO A 113 1.71 -2.02 3.59
CA PRO A 113 2.73 -2.81 2.94
C PRO A 113 4.08 -2.35 3.37
N ARG A 114 5.01 -3.28 3.52
CA ARG A 114 6.32 -2.93 4.02
C ARG A 114 6.90 -1.99 3.04
N LEU A 115 7.81 -1.20 3.55
CA LEU A 115 8.53 -0.26 2.72
C LEU A 115 9.52 -0.88 1.77
N VAL A 116 9.40 -0.48 0.50
CA VAL A 116 10.29 -0.93 -0.55
C VAL A 116 11.15 0.26 -0.91
N ARG A 117 12.41 0.19 -0.50
CA ARG A 117 13.36 1.26 -0.68
C ARG A 117 13.88 1.30 -2.10
N PRO A 118 13.99 2.50 -2.73
CA PRO A 118 14.56 2.58 -4.08
C PRO A 118 16.03 2.19 -4.08
N GLU A 119 16.65 2.14 -5.25
CA GLU A 119 18.05 1.79 -5.27
C GLU A 119 18.86 2.95 -4.74
N VAL A 120 19.99 2.63 -4.10
CA VAL A 120 20.89 3.59 -3.48
C VAL A 120 21.22 4.78 -4.38
N ASP A 121 21.54 4.52 -5.66
CA ASP A 121 21.86 5.57 -6.64
C ASP A 121 20.69 6.54 -6.79
N VAL A 122 19.46 5.99 -6.84
CA VAL A 122 18.23 6.78 -6.96
C VAL A 122 18.01 7.63 -5.71
N MET A 123 18.13 7.00 -4.52
CA MET A 123 17.97 7.67 -3.24
C MET A 123 18.95 8.82 -3.09
N CYS A 124 20.23 8.56 -3.32
CA CYS A 124 21.29 9.56 -3.23
C CYS A 124 21.08 10.74 -4.14
N THR A 125 20.56 10.47 -5.35
CA THR A 125 20.28 11.52 -6.32
C THR A 125 19.10 12.36 -5.86
N ALA A 126 18.05 11.69 -5.34
CA ALA A 126 16.87 12.36 -4.82
C ALA A 126 17.27 13.21 -3.65
N PHE A 127 18.14 12.68 -2.76
CA PHE A 127 18.67 13.39 -1.60
C PHE A 127 19.31 14.71 -2.04
N HIS A 128 20.16 14.65 -3.08
CA HIS A 128 20.86 15.80 -3.62
C HIS A 128 19.93 16.81 -4.27
N ASP A 129 18.99 16.33 -5.10
CA ASP A 129 18.06 17.20 -5.80
C ASP A 129 17.14 18.00 -4.90
N ASN A 130 16.70 17.40 -3.78
CA ASN A 130 15.81 18.03 -2.82
C ASN A 130 15.84 17.35 -1.48
N GLU A 131 16.82 17.72 -0.66
CA GLU A 131 17.05 17.19 0.68
C GLU A 131 15.80 17.35 1.55
N GLU A 132 15.16 18.54 1.52
CA GLU A 132 13.97 18.86 2.33
C GLU A 132 12.85 17.86 2.09
N THR A 133 12.38 17.76 0.83
CA THR A 133 11.30 16.87 0.43
C THR A 133 11.67 15.42 0.65
N PHE A 134 12.90 15.07 0.31
CA PHE A 134 13.41 13.73 0.49
C PHE A 134 13.32 13.28 1.95
N LEU A 135 13.81 14.12 2.86
CA LEU A 135 13.77 13.86 4.29
C LEU A 135 12.36 13.87 4.88
N LYS A 136 11.51 14.82 4.43
CA LYS A 136 10.10 14.88 4.85
C LYS A 136 9.38 13.58 4.43
N LYS A 137 9.66 13.09 3.20
CA LYS A 137 9.08 11.84 2.67
C LYS A 137 9.29 10.69 3.63
N TYR A 138 10.52 10.53 4.12
CA TYR A 138 10.89 9.48 5.07
C TYR A 138 10.21 9.66 6.41
N LEU A 139 10.15 10.93 6.88
CA LEU A 139 9.51 11.28 8.14
C LEU A 139 8.07 10.75 8.11
N TYR A 140 7.40 11.00 6.98
CA TYR A 140 6.04 10.60 6.70
C TYR A 140 5.90 9.08 6.69
N GLU A 141 6.83 8.39 6.01
CA GLU A 141 6.80 6.94 5.88
C GLU A 141 6.91 6.25 7.23
N ILE A 142 7.80 6.74 8.08
CA ILE A 142 8.01 6.17 9.41
C ILE A 142 6.82 6.45 10.33
N ALA A 143 6.42 7.72 10.38
CA ALA A 143 5.34 8.18 11.23
C ALA A 143 4.03 7.43 11.00
N ARG A 144 3.57 7.33 9.74
CA ARG A 144 2.31 6.66 9.44
C ARG A 144 2.35 5.18 9.75
N ARG A 145 3.54 4.59 9.70
CA ARG A 145 3.74 3.18 9.97
C ARG A 145 3.88 2.91 11.44
N HIS A 146 4.17 3.96 12.21
CA HIS A 146 4.36 3.85 13.65
C HIS A 146 3.63 4.99 14.37
N PRO A 147 2.27 4.95 14.42
CA PRO A 147 1.53 6.06 15.05
C PRO A 147 1.85 6.45 16.48
N TYR A 148 2.49 5.58 17.25
CA TYR A 148 2.80 5.89 18.63
C TYR A 148 4.29 6.16 18.83
N PHE A 149 5.01 6.38 17.73
CA PHE A 149 6.43 6.70 17.76
C PHE A 149 6.59 8.06 18.41
N TYR A 150 7.36 8.11 19.51
CA TYR A 150 7.69 9.31 20.31
C TYR A 150 8.22 10.39 19.40
N ALA A 151 7.39 11.41 19.10
CA ALA A 151 7.72 12.48 18.17
C ALA A 151 9.12 13.06 18.25
N PRO A 152 9.58 13.56 19.42
CA PRO A 152 10.92 14.17 19.46
C PRO A 152 12.00 13.21 18.99
N GLU A 153 11.86 11.94 19.37
CA GLU A 153 12.79 10.91 18.99
C GLU A 153 12.84 10.74 17.50
N LEU A 154 11.69 10.85 16.81
CA LEU A 154 11.64 10.73 15.36
C LEU A 154 12.48 11.81 14.72
N LEU A 155 12.54 13.00 15.33
CA LEU A 155 13.34 14.10 14.84
C LEU A 155 14.85 13.78 14.93
N PHE A 156 15.22 13.06 15.98
CA PHE A 156 16.60 12.66 16.16
C PHE A 156 16.97 11.58 15.14
N PHE A 157 16.05 10.64 14.88
CA PHE A 157 16.28 9.60 13.89
C PHE A 157 16.44 10.23 12.52
N ALA A 158 15.64 11.26 12.21
CA ALA A 158 15.69 11.98 10.94
C ALA A 158 17.06 12.59 10.70
N LYS A 159 17.64 13.22 11.73
CA LYS A 159 18.97 13.82 11.65
C LYS A 159 20.03 12.73 11.48
N ARG A 160 19.76 11.53 11.99
CA ARG A 160 20.68 10.41 11.84
C ARG A 160 20.62 9.85 10.41
N TYR A 161 19.42 9.84 9.80
CA TYR A 161 19.17 9.39 8.43
C TYR A 161 19.86 10.39 7.48
N LYS A 162 19.70 11.70 7.77
CA LYS A 162 20.34 12.77 7.00
C LYS A 162 21.85 12.58 7.02
N ALA A 163 22.44 12.26 8.19
CA ALA A 163 23.88 12.04 8.33
C ALA A 163 24.33 10.83 7.50
N ALA A 164 23.53 9.75 7.51
CA ALA A 164 23.81 8.53 6.76
C ALA A 164 23.89 8.83 5.26
N PHE A 165 22.94 9.61 4.73
CA PHE A 165 22.93 9.99 3.32
C PHE A 165 24.05 10.96 2.98
N THR A 166 24.33 11.90 3.89
CA THR A 166 25.40 12.88 3.68
C THR A 166 26.75 12.17 3.52
N GLU A 167 27.03 11.21 4.41
CA GLU A 167 28.27 10.47 4.40
C GLU A 167 28.35 9.42 3.29
N CYS A 168 27.30 8.59 3.19
CA CYS A 168 27.25 7.49 2.23
C CYS A 168 27.06 7.82 0.78
N CYS A 169 26.45 8.96 0.46
CA CYS A 169 26.23 9.31 -0.95
C CYS A 169 27.49 9.80 -1.68
N GLN A 170 28.56 10.01 -0.94
CA GLN A 170 29.83 10.46 -1.51
C GLN A 170 30.93 9.44 -1.12
N ALA A 171 30.51 8.15 -0.94
CA ALA A 171 31.37 6.99 -0.69
C ALA A 171 31.53 6.19 -1.98
N ALA A 172 32.55 5.31 -2.01
CA ALA A 172 32.89 4.44 -3.14
C ALA A 172 31.72 3.50 -3.47
N ASP A 173 31.28 2.76 -2.46
CA ASP A 173 30.14 1.85 -2.63
C ASP A 173 29.00 2.39 -1.77
N LYS A 174 28.14 3.19 -2.41
CA LYS A 174 26.92 3.74 -1.88
C LYS A 174 26.19 2.73 -0.92
N ALA A 175 25.79 1.55 -1.45
CA ALA A 175 25.10 0.46 -0.72
C ALA A 175 25.85 -0.03 0.49
N ALA A 176 27.15 -0.35 0.35
CA ALA A 176 28.01 -0.85 1.44
C ALA A 176 27.99 0.06 2.63
N CYS A 177 27.95 1.36 2.34
CA CYS A 177 27.97 2.39 3.37
C CYS A 177 26.55 2.61 3.94
N LEU A 178 25.66 3.02 3.05
CA LEU A 178 24.27 3.30 3.34
C LEU A 178 23.25 2.24 3.73
N LEU A 179 23.24 1.11 3.02
CA LEU A 179 22.17 0.13 3.22
C LEU A 179 22.13 -0.41 4.65
N PRO A 180 23.31 -0.63 5.20
CA PRO A 180 23.47 -1.15 6.55
C PRO A 180 23.04 -0.14 7.60
N LYS A 181 23.39 1.12 7.40
CA LYS A 181 23.03 2.09 8.39
C LYS A 181 21.52 2.14 8.45
N LEU A 182 20.90 2.17 7.30
CA LEU A 182 19.45 2.25 7.15
C LEU A 182 18.80 1.09 7.85
N ASP A 183 19.44 -0.09 7.76
CA ASP A 183 18.93 -1.27 8.43
C ASP A 183 18.98 -1.13 9.93
N GLU A 184 20.07 -0.56 10.45
CA GLU A 184 20.25 -0.30 11.87
C GLU A 184 19.17 0.68 12.35
N LEU A 185 19.04 1.84 11.66
CA LEU A 185 18.05 2.85 12.00
C LEU A 185 16.65 2.27 12.01
N ARG A 186 16.32 1.47 11.01
CA ARG A 186 15.03 0.79 10.91
C ARG A 186 14.78 -0.06 12.17
N ASP A 187 15.77 -0.88 12.54
CA ASP A 187 15.68 -1.76 13.71
C ASP A 187 15.54 -0.97 15.01
N GLU A 188 16.41 0.05 15.20
CA GLU A 188 16.36 0.94 16.37
C GLU A 188 14.98 1.59 16.46
N GLY A 189 14.51 2.03 15.30
CA GLY A 189 13.22 2.69 15.15
C GLY A 189 12.10 1.82 15.63
N LYS A 190 12.02 0.57 15.13
CA LYS A 190 10.96 -0.34 15.54
C LYS A 190 11.01 -0.59 17.04
N ALA A 191 12.22 -0.77 17.58
CA ALA A 191 12.41 -0.98 19.01
C ALA A 191 11.88 0.21 19.82
N SER A 192 12.36 1.42 19.49
CA SER A 192 11.95 2.66 20.14
C SER A 192 10.42 2.84 20.10
N SER A 193 9.82 2.54 18.94
CA SER A 193 8.39 2.65 18.74
C SER A 193 7.68 1.67 19.66
N ALA A 194 8.23 0.45 19.82
CA ALA A 194 7.63 -0.53 20.71
C ALA A 194 7.63 -0.04 22.19
N LYS A 195 8.75 0.56 22.62
CA LYS A 195 8.89 1.13 23.97
C LYS A 195 7.87 2.26 24.19
N GLN A 196 7.74 3.11 23.16
CA GLN A 196 6.80 4.21 23.22
C GLN A 196 5.36 3.71 23.26
N ARG A 197 5.04 2.55 22.68
CA ARG A 197 3.67 2.00 22.75
C ARG A 197 3.38 1.47 24.16
N LEU A 198 4.37 0.84 24.79
CA LEU A 198 4.26 0.29 26.15
C LEU A 198 3.88 1.41 27.13
N LYS A 199 4.62 2.55 27.08
CA LYS A 199 4.43 3.73 27.91
C LYS A 199 3.04 4.32 27.70
N CYS A 200 2.61 4.46 26.43
CA CYS A 200 1.29 5.01 26.09
C CYS A 200 0.19 4.12 26.57
N ALA A 201 0.34 2.80 26.44
CA ALA A 201 -0.65 1.84 26.89
C ALA A 201 -0.85 1.98 28.41
N SER A 202 0.21 2.15 29.18
CA SER A 202 0.02 2.37 30.60
C SER A 202 -0.70 3.66 30.90
N LEU A 203 -0.29 4.73 30.26
CA LEU A 203 -0.92 6.00 30.52
C LEU A 203 -2.32 5.99 30.05
N GLN A 204 -2.51 5.41 28.89
CA GLN A 204 -3.78 5.45 28.20
C GLN A 204 -4.91 4.74 28.94
N LYS A 205 -4.59 3.64 29.60
CA LYS A 205 -5.59 2.87 30.31
C LYS A 205 -5.62 3.17 31.80
N PHE A 206 -4.55 2.76 32.48
CA PHE A 206 -4.37 2.95 33.91
C PHE A 206 -4.18 4.39 34.37
N GLY A 207 -3.42 5.16 33.62
CA GLY A 207 -3.11 6.50 34.05
C GLY A 207 -1.69 6.58 34.58
N GLU A 208 -1.39 7.68 35.25
CA GLU A 208 -0.04 7.97 35.69
C GLU A 208 0.60 7.01 36.70
N ARG A 209 -0.16 6.48 37.65
CA ARG A 209 0.48 5.85 38.77
C ARG A 209 1.36 4.70 38.37
N ALA A 210 0.98 4.06 37.29
CA ALA A 210 1.70 2.91 36.76
C ALA A 210 2.97 3.44 36.09
N PHE A 211 2.83 4.48 35.25
CA PHE A 211 3.94 5.10 34.55
C PHE A 211 4.88 5.74 35.55
N LYS A 212 4.33 6.49 36.51
CA LYS A 212 5.12 7.17 37.52
C LYS A 212 5.93 6.22 38.35
N ALA A 213 5.36 5.04 38.67
CA ALA A 213 6.04 4.00 39.43
C ALA A 213 7.26 3.56 38.65
N TRP A 214 7.05 3.21 37.37
CA TRP A 214 8.12 2.80 36.47
C TRP A 214 9.20 3.86 36.43
N ALA A 215 8.80 5.13 36.28
CA ALA A 215 9.70 6.27 36.20
C ALA A 215 10.53 6.46 37.46
N VAL A 216 9.91 6.40 38.66
CA VAL A 216 10.64 6.52 39.93
C VAL A 216 11.75 5.48 39.97
N ALA A 217 11.40 4.22 39.68
CA ALA A 217 12.37 3.13 39.71
C ALA A 217 13.50 3.34 38.74
N ARG A 218 13.18 3.65 37.47
CA ARG A 218 14.19 3.84 36.45
C ARG A 218 15.09 5.02 36.72
N LEU A 219 14.49 6.18 37.08
CA LEU A 219 15.26 7.39 37.35
C LEU A 219 16.13 7.24 38.58
N SER A 220 15.66 6.50 39.59
CA SER A 220 16.42 6.28 40.83
C SER A 220 17.65 5.43 40.59
N GLN A 221 17.55 4.43 39.70
CA GLN A 221 18.68 3.58 39.37
C GLN A 221 19.70 4.44 38.63
N ARG A 222 19.20 5.32 37.72
CA ARG A 222 20.00 6.20 36.87
C ARG A 222 20.65 7.36 37.65
N PHE A 223 19.93 7.98 38.58
CA PHE A 223 20.40 9.11 39.36
C PHE A 223 20.35 8.79 40.86
N PRO A 224 21.13 7.78 41.30
CA PRO A 224 21.11 7.41 42.72
C PRO A 224 21.50 8.50 43.71
N LYS A 225 22.35 9.45 43.29
CA LYS A 225 22.81 10.53 44.18
C LYS A 225 21.77 11.62 44.37
N ALA A 226 20.81 11.73 43.43
CA ALA A 226 19.75 12.74 43.49
C ALA A 226 18.81 12.46 44.67
N GLU A 227 18.29 13.51 45.30
CA GLU A 227 17.34 13.37 46.39
C GLU A 227 15.99 12.93 45.86
N PHE A 228 15.15 12.37 46.73
CA PHE A 228 13.82 11.87 46.35
C PHE A 228 12.97 12.95 45.70
N ALA A 229 12.97 14.14 46.31
CA ALA A 229 12.21 15.28 45.81
C ALA A 229 12.61 15.65 44.38
N GLU A 230 13.90 15.50 44.05
CA GLU A 230 14.41 15.79 42.73
C GLU A 230 13.92 14.75 41.75
N VAL A 231 14.02 13.48 42.14
CA VAL A 231 13.57 12.36 41.33
C VAL A 231 12.08 12.52 41.07
N SER A 232 11.31 12.83 42.13
CA SER A 232 9.88 13.04 42.04
C SER A 232 9.56 14.14 41.05
N LYS A 233 10.29 15.27 41.13
CA LYS A 233 10.12 16.40 40.22
C LYS A 233 10.36 15.95 38.76
N LEU A 234 11.43 15.19 38.54
CA LEU A 234 11.77 14.69 37.22
C LEU A 234 10.72 13.73 36.67
N VAL A 235 10.15 12.88 37.54
CA VAL A 235 9.08 11.94 37.14
C VAL A 235 7.86 12.76 36.71
N THR A 236 7.55 13.85 37.44
CA THR A 236 6.40 14.71 37.15
C THR A 236 6.52 15.33 35.77
N ASP A 237 7.70 15.90 35.49
CA ASP A 237 8.00 16.53 34.22
C ASP A 237 7.96 15.53 33.08
N LEU A 238 8.55 14.34 33.29
CA LEU A 238 8.59 13.30 32.29
C LEU A 238 7.18 12.79 31.99
N THR A 239 6.34 12.68 33.05
CA THR A 239 4.98 12.20 32.90
C THR A 239 4.23 13.16 32.00
N LYS A 240 4.44 14.48 32.20
CA LYS A 240 3.77 15.50 31.40
C LYS A 240 4.12 15.36 29.94
N VAL A 241 5.43 15.25 29.62
CA VAL A 241 5.94 15.10 28.25
C VAL A 241 5.29 13.88 27.59
N HIS A 242 5.42 12.75 28.26
CA HIS A 242 4.91 11.49 27.77
C HIS A 242 3.41 11.47 27.59
N THR A 243 2.67 12.08 28.51
CA THR A 243 1.21 12.16 28.43
C THR A 243 0.78 12.93 27.20
N GLU A 244 1.40 14.09 26.96
CA GLU A 244 1.06 14.93 25.83
C GLU A 244 1.37 14.26 24.50
N CYS A 245 2.55 13.64 24.40
CA CYS A 245 2.93 12.92 23.19
C CYS A 245 1.96 11.77 22.89
N CYS A 246 1.58 11.04 23.94
CA CYS A 246 0.68 9.91 23.82
C CYS A 246 -0.68 10.28 23.38
N HIS A 247 -1.18 11.46 23.72
CA HIS A 247 -2.55 11.86 23.36
C HIS A 247 -2.66 12.63 22.04
N GLY A 248 -1.54 12.75 21.35
CA GLY A 248 -1.36 13.58 20.17
C GLY A 248 -1.07 15.07 20.27
N ASP A 249 -0.57 15.55 21.43
CA ASP A 249 -0.18 16.95 21.67
C ASP A 249 1.31 17.13 21.39
N LEU A 250 1.69 16.81 20.16
CA LEU A 250 3.06 16.76 19.69
C LEU A 250 3.94 17.98 19.95
N LEU A 251 3.47 19.18 19.57
CA LEU A 251 4.23 20.42 19.79
C LEU A 251 4.50 20.70 21.27
N GLU A 252 3.43 20.60 22.09
CA GLU A 252 3.49 20.82 23.52
C GLU A 252 4.51 19.88 24.11
N CYS A 253 4.45 18.57 23.73
CA CYS A 253 5.36 17.51 24.16
C CYS A 253 6.80 17.82 23.79
N ALA A 254 7.06 18.18 22.53
CA ALA A 254 8.39 18.48 22.04
C ALA A 254 9.06 19.64 22.80
N ASP A 255 8.29 20.70 23.04
CA ASP A 255 8.74 21.89 23.75
C ASP A 255 9.02 21.55 25.21
N ASP A 256 8.14 20.74 25.81
CA ASP A 256 8.27 20.30 27.19
C ASP A 256 9.48 19.44 27.40
N ARG A 257 9.80 18.55 26.43
CA ARG A 257 10.98 17.70 26.46
C ARG A 257 12.23 18.56 26.40
N ALA A 258 12.22 19.59 25.54
CA ALA A 258 13.34 20.51 25.42
C ALA A 258 13.58 21.27 26.74
N ASP A 259 12.47 21.69 27.37
CA ASP A 259 12.50 22.41 28.64
C ASP A 259 13.04 21.50 29.75
N LEU A 260 12.66 20.22 29.76
CA LEU A 260 13.14 19.26 30.75
C LEU A 260 14.64 19.06 30.61
N ALA A 261 15.11 18.77 29.39
CA ALA A 261 16.53 18.58 29.15
C ALA A 261 17.29 19.81 29.67
N LYS A 262 16.77 21.01 29.38
CA LYS A 262 17.36 22.27 29.85
C LYS A 262 17.43 22.31 31.39
N TYR A 263 16.30 21.94 32.06
CA TYR A 263 16.27 21.93 33.52
C TYR A 263 17.35 21.00 34.06
N ILE A 264 17.41 19.79 33.51
CA ILE A 264 18.37 18.77 33.91
C ILE A 264 19.80 19.29 33.80
N CYS A 265 20.12 19.88 32.66
CA CYS A 265 21.43 20.42 32.39
C CYS A 265 21.84 21.58 33.28
N GLU A 266 20.85 22.33 33.77
CA GLU A 266 21.12 23.46 34.66
C GLU A 266 21.17 23.00 36.10
N ASN A 267 20.89 21.71 36.36
CA ASN A 267 20.86 21.16 37.72
C ASN A 267 21.62 19.85 37.83
N GLN A 268 22.68 19.70 37.02
CA GLN A 268 23.49 18.49 37.00
C GLN A 268 24.02 18.09 38.37
N ASP A 269 24.48 19.07 39.15
CA ASP A 269 25.05 18.80 40.46
C ASP A 269 24.06 18.21 41.44
N SER A 270 22.75 18.37 41.17
CA SER A 270 21.69 17.83 42.01
C SER A 270 21.08 16.57 41.37
N ILE A 271 21.58 16.14 40.20
CA ILE A 271 21.03 14.99 39.48
C ILE A 271 22.04 13.86 39.23
N SER A 272 23.11 14.15 38.46
CA SER A 272 24.11 13.13 38.13
C SER A 272 25.40 13.76 37.65
N SER A 273 26.52 13.07 37.89
CA SER A 273 27.84 13.53 37.47
C SER A 273 28.16 13.09 36.04
N LYS A 274 27.27 12.30 35.40
CA LYS A 274 27.46 11.75 34.04
C LYS A 274 26.76 12.54 32.93
N LEU A 275 26.30 13.77 33.21
CA LEU A 275 25.54 14.56 32.23
C LEU A 275 26.29 15.64 31.43
N LYS A 276 27.55 15.91 31.78
CA LYS A 276 28.33 16.98 31.15
C LYS A 276 28.38 16.91 29.64
N GLU A 277 28.77 15.73 29.11
CA GLU A 277 28.89 15.47 27.68
C GLU A 277 27.63 15.75 26.88
N CYS A 278 26.45 15.44 27.44
CA CYS A 278 25.12 15.61 26.84
C CYS A 278 24.70 17.04 26.85
N CYS A 279 25.03 17.75 27.91
CA CYS A 279 24.57 19.11 28.09
C CYS A 279 25.31 20.10 27.24
N GLU A 280 26.32 19.61 26.50
CA GLU A 280 27.11 20.39 25.55
C GLU A 280 26.53 20.21 24.14
N LYS A 281 25.74 19.17 23.96
CA LYS A 281 25.24 18.80 22.67
C LYS A 281 24.20 19.75 22.22
N PRO A 282 23.80 19.58 20.98
CA PRO A 282 22.72 20.31 20.34
C PRO A 282 21.42 19.86 20.94
N LEU A 283 20.38 20.67 20.80
CA LEU A 283 19.14 20.51 21.55
C LEU A 283 18.46 19.16 21.39
N LEU A 284 18.41 18.62 20.18
CA LEU A 284 17.85 17.29 20.02
C LEU A 284 18.80 16.20 20.45
N GLU A 285 20.07 16.41 20.14
CA GLU A 285 21.07 15.40 20.47
C GLU A 285 21.28 15.29 22.00
N LYS A 286 21.21 16.44 22.73
CA LYS A 286 21.28 16.52 24.20
C LYS A 286 20.18 15.67 24.88
N SER A 287 18.88 15.90 24.55
CA SER A 287 17.77 15.14 25.14
C SER A 287 17.91 13.64 24.90
N HIS A 288 18.29 13.25 23.67
CA HIS A 288 18.50 11.85 23.34
C HIS A 288 19.61 11.29 24.20
N CYS A 289 20.72 12.03 24.36
CA CYS A 289 21.87 11.61 25.17
C CYS A 289 21.47 11.43 26.61
N ILE A 290 20.74 12.41 27.17
CA ILE A 290 20.30 12.36 28.55
C ILE A 290 19.42 11.12 28.77
N ALA A 291 18.54 10.84 27.81
CA ALA A 291 17.64 9.71 27.88
C ALA A 291 18.37 8.35 27.91
N GLU A 292 19.56 8.28 27.26
CA GLU A 292 20.34 7.05 27.16
C GLU A 292 21.56 7.06 28.09
N VAL A 293 21.71 8.11 28.90
CA VAL A 293 22.83 8.24 29.83
C VAL A 293 22.94 7.04 30.76
N GLU A 294 24.17 6.58 31.00
CA GLU A 294 24.41 5.45 31.87
C GLU A 294 24.19 5.87 33.31
N ASN A 295 23.89 4.88 34.16
CA ASN A 295 23.65 5.10 35.59
C ASN A 295 24.83 5.75 36.24
N ASP A 296 24.53 6.70 37.13
CA ASP A 296 25.58 7.34 37.88
C ASP A 296 25.99 6.33 38.94
N GLU A 297 27.19 6.50 39.50
CA GLU A 297 27.67 5.66 40.58
C GLU A 297 26.84 6.00 41.83
N MET A 298 26.41 4.99 42.59
CA MET A 298 25.62 5.25 43.80
C MET A 298 26.44 5.79 44.98
N PRO A 299 25.81 6.56 45.90
CA PRO A 299 26.53 7.11 47.05
C PRO A 299 27.26 6.06 47.86
N ALA A 300 28.43 6.45 48.40
CA ALA A 300 29.39 5.65 49.15
C ALA A 300 28.88 4.64 50.20
N ASP A 301 28.48 5.10 51.38
CA ASP A 301 28.00 4.19 52.42
C ASP A 301 26.52 4.40 52.63
N LEU A 302 25.69 3.69 51.84
CA LEU A 302 24.25 3.82 52.00
C LEU A 302 23.76 2.87 53.07
N PRO A 303 22.91 3.35 54.00
CA PRO A 303 22.41 2.46 55.05
C PRO A 303 21.39 1.48 54.51
N SER A 304 21.05 0.46 55.32
CA SER A 304 20.03 -0.53 55.00
C SER A 304 18.66 0.13 55.12
N LEU A 305 17.70 -0.34 54.32
CA LEU A 305 16.34 0.19 54.35
C LEU A 305 15.59 -0.26 55.60
N ALA A 306 16.12 -1.26 56.30
CA ALA A 306 15.49 -1.84 57.48
C ALA A 306 15.08 -0.83 58.54
N ALA A 307 15.98 0.10 58.86
CA ALA A 307 15.70 1.12 59.87
C ALA A 307 14.42 1.96 59.61
N ASP A 308 14.23 2.44 58.38
CA ASP A 308 13.12 3.31 57.99
C ASP A 308 11.88 2.59 57.48
N PHE A 309 12.06 1.42 56.87
CA PHE A 309 10.94 0.68 56.31
C PHE A 309 10.51 -0.58 57.06
N VAL A 310 11.16 -0.90 58.19
CA VAL A 310 10.83 -2.08 58.97
C VAL A 310 10.92 -1.83 60.48
N GLU A 311 12.00 -1.21 60.93
CA GLU A 311 12.17 -0.96 62.35
C GLU A 311 11.43 0.26 62.90
N SER A 312 11.39 1.35 62.11
CA SER A 312 10.72 2.57 62.53
C SER A 312 9.29 2.32 63.05
N LYS A 313 8.91 3.04 64.11
CA LYS A 313 7.56 2.99 64.71
C LYS A 313 6.57 3.72 63.79
N ASP A 314 7.10 4.66 62.99
CA ASP A 314 6.32 5.47 62.09
C ASP A 314 6.00 4.83 60.75
N VAL A 315 6.33 3.54 60.54
CA VAL A 315 6.09 2.90 59.25
C VAL A 315 4.64 3.03 58.79
N CYS A 316 3.73 2.49 59.61
CA CYS A 316 2.30 2.54 59.33
C CYS A 316 1.75 3.94 59.32
N LYS A 317 2.24 4.80 60.24
CA LYS A 317 1.81 6.20 60.30
C LYS A 317 2.18 6.91 59.00
N ASN A 318 3.44 6.74 58.54
CA ASN A 318 3.94 7.35 57.30
C ASN A 318 3.22 6.79 56.10
N TYR A 319 2.92 5.48 56.11
CA TYR A 319 2.21 4.83 55.01
C TYR A 319 0.80 5.36 54.87
N ALA A 320 0.03 5.32 55.97
CA ALA A 320 -1.36 5.78 56.02
C ALA A 320 -1.57 7.22 55.59
N GLU A 321 -0.70 8.13 56.06
CA GLU A 321 -0.74 9.58 55.78
C GLU A 321 -0.67 9.91 54.29
N ALA A 322 0.21 9.20 53.56
CA ALA A 322 0.44 9.39 52.14
C ALA A 322 1.09 8.15 51.58
N LYS A 323 0.26 7.15 51.27
CA LYS A 323 0.66 5.85 50.74
C LYS A 323 1.60 5.95 49.53
N ASP A 324 1.19 6.69 48.48
CA ASP A 324 1.98 6.85 47.27
C ASP A 324 3.34 7.48 47.51
N VAL A 325 3.41 8.46 48.41
CA VAL A 325 4.65 9.11 48.81
C VAL A 325 5.58 8.11 49.48
N PHE A 326 5.06 7.36 50.46
CA PHE A 326 5.82 6.38 51.20
C PHE A 326 6.33 5.30 50.28
N LEU A 327 5.46 4.75 49.44
CA LEU A 327 5.82 3.71 48.50
C LEU A 327 6.83 4.23 47.49
N GLY A 328 6.67 5.49 47.10
CA GLY A 328 7.57 6.14 46.17
C GLY A 328 8.97 6.21 46.75
N MET A 329 9.04 6.52 48.05
CA MET A 329 10.29 6.61 48.80
C MET A 329 10.95 5.24 48.92
N PHE A 330 10.13 4.20 49.17
CA PHE A 330 10.61 2.82 49.26
C PHE A 330 11.24 2.44 47.94
N LEU A 331 10.51 2.67 46.84
CA LEU A 331 10.94 2.37 45.49
C LEU A 331 12.23 3.13 45.13
N TYR A 332 12.31 4.41 45.50
CA TYR A 332 13.48 5.23 45.24
C TYR A 332 14.71 4.70 45.99
N GLU A 333 14.56 4.36 47.27
CA GLU A 333 15.64 3.86 48.11
C GLU A 333 16.12 2.49 47.66
N TYR A 334 15.18 1.61 47.32
CA TYR A 334 15.52 0.28 46.86
C TYR A 334 16.18 0.30 45.48
N ALA A 335 15.63 1.12 44.55
CA ALA A 335 16.13 1.22 43.17
C ALA A 335 17.50 1.83 43.08
N ARG A 336 17.75 2.93 43.82
CA ARG A 336 19.05 3.61 43.80
C ARG A 336 20.18 2.66 44.20
N ARG A 337 19.85 1.68 45.06
CA ARG A 337 20.76 0.65 45.59
C ARG A 337 20.84 -0.55 44.67
N HIS A 338 19.88 -0.71 43.74
CA HIS A 338 19.87 -1.86 42.85
C HIS A 338 19.75 -1.60 41.35
N PRO A 339 20.82 -1.09 40.72
CA PRO A 339 20.80 -0.91 39.26
C PRO A 339 20.90 -2.27 38.55
N ASP A 340 21.16 -3.34 39.31
CA ASP A 340 21.29 -4.72 38.81
C ASP A 340 19.94 -5.41 38.67
N TYR A 341 18.89 -4.79 39.20
CA TYR A 341 17.53 -5.33 39.08
C TYR A 341 16.81 -4.74 37.89
N SER A 342 15.85 -5.49 37.36
CA SER A 342 15.00 -4.99 36.29
C SER A 342 14.04 -4.04 36.98
N VAL A 343 13.49 -3.10 36.22
CA VAL A 343 12.50 -2.18 36.77
C VAL A 343 11.29 -2.99 37.29
N VAL A 344 10.80 -3.94 36.48
CA VAL A 344 9.66 -4.80 36.87
C VAL A 344 9.88 -5.56 38.17
N LEU A 345 11.12 -6.01 38.44
CA LEU A 345 11.43 -6.71 39.68
C LEU A 345 11.20 -5.73 40.83
N LEU A 346 11.75 -4.52 40.68
CA LEU A 346 11.61 -3.46 41.68
C LEU A 346 10.15 -3.13 41.94
N LEU A 347 9.34 -3.12 40.87
CA LEU A 347 7.90 -2.87 41.00
C LEU A 347 7.20 -4.00 41.73
N ARG A 348 7.65 -5.27 41.53
CA ARG A 348 7.08 -6.42 42.23
C ARG A 348 7.45 -6.34 43.70
N LEU A 349 8.65 -5.84 44.02
CA LEU A 349 9.08 -5.71 45.41
C LEU A 349 8.26 -4.65 46.12
N ALA A 350 7.98 -3.53 45.42
CA ALA A 350 7.18 -2.43 45.97
C ALA A 350 5.74 -2.89 46.17
N LYS A 351 5.20 -3.68 45.23
CA LYS A 351 3.84 -4.20 45.31
C LYS A 351 3.73 -5.15 46.51
N THR A 352 4.76 -5.99 46.70
CA THR A 352 4.83 -6.91 47.82
C THR A 352 4.84 -6.11 49.11
N TYR A 353 5.67 -5.07 49.19
CA TYR A 353 5.77 -4.23 50.36
C TYR A 353 4.43 -3.56 50.65
N GLU A 354 3.78 -3.03 49.60
CA GLU A 354 2.47 -2.38 49.69
C GLU A 354 1.43 -3.34 50.31
N THR A 355 1.31 -4.56 49.73
CA THR A 355 0.35 -5.56 50.20
C THR A 355 0.57 -5.93 51.66
N THR A 356 1.84 -6.08 52.07
CA THR A 356 2.19 -6.41 53.45
C THR A 356 1.77 -5.29 54.40
N LEU A 357 2.09 -4.04 54.04
CA LEU A 357 1.73 -2.91 54.87
C LEU A 357 0.22 -2.77 54.97
N GLU A 358 -0.50 -2.92 53.84
CA GLU A 358 -1.95 -2.81 53.83
C GLU A 358 -2.58 -3.85 54.77
N LYS A 359 -1.97 -5.04 54.85
CA LYS A 359 -2.41 -6.12 55.70
C LYS A 359 -2.01 -5.87 57.16
N CYS A 360 -0.70 -5.69 57.40
CA CYS A 360 -0.10 -5.51 58.72
C CYS A 360 -0.53 -4.30 59.50
N CYS A 361 -0.65 -3.15 58.85
CA CYS A 361 -1.01 -1.91 59.52
C CYS A 361 -2.37 -1.94 60.17
N ALA A 362 -3.19 -2.92 59.77
CA ALA A 362 -4.53 -3.15 60.31
C ALA A 362 -4.46 -3.96 61.61
N ALA A 363 -3.31 -4.61 61.88
CA ALA A 363 -3.11 -5.42 63.07
C ALA A 363 -2.84 -4.59 64.34
N ALA A 364 -3.13 -5.16 65.53
CA ALA A 364 -2.90 -4.53 66.84
C ALA A 364 -1.43 -4.18 67.01
N ASP A 365 -0.54 -5.06 66.53
CA ASP A 365 0.91 -4.82 66.55
C ASP A 365 1.49 -5.00 65.13
N PRO A 366 1.40 -3.92 64.31
CA PRO A 366 1.91 -3.98 62.92
C PRO A 366 3.34 -4.49 62.78
N HIS A 367 4.27 -3.96 63.59
CA HIS A 367 5.68 -4.34 63.54
C HIS A 367 5.94 -5.83 63.59
N GLU A 368 5.26 -6.54 64.48
CA GLU A 368 5.43 -7.98 64.61
C GLU A 368 5.00 -8.66 63.31
N CYS A 369 3.98 -8.10 62.66
CA CYS A 369 3.42 -8.61 61.42
C CYS A 369 4.33 -8.42 60.18
N TYR A 370 4.92 -7.23 60.01
CA TYR A 370 5.77 -6.93 58.84
C TYR A 370 7.27 -7.02 59.11
N ALA A 371 7.67 -7.38 60.34
CA ALA A 371 9.07 -7.46 60.76
C ALA A 371 10.01 -8.20 59.81
N LYS A 372 9.54 -9.21 59.07
CA LYS A 372 10.43 -9.95 58.16
C LYS A 372 10.04 -9.86 56.68
N VAL A 373 9.45 -8.73 56.30
CA VAL A 373 9.00 -8.49 54.93
C VAL A 373 10.09 -8.72 53.88
N PHE A 374 11.31 -8.27 54.17
CA PHE A 374 12.42 -8.40 53.24
C PHE A 374 12.74 -9.85 52.86
N ASP A 375 12.27 -10.79 53.69
CA ASP A 375 12.47 -12.21 53.45
C ASP A 375 11.59 -12.65 52.28
N GLU A 376 10.42 -12.01 52.14
CA GLU A 376 9.47 -12.29 51.07
C GLU A 376 10.02 -11.86 49.71
N PHE A 377 11.05 -11.00 49.72
CA PHE A 377 11.68 -10.48 48.50
C PHE A 377 12.59 -11.50 47.84
N LYS A 378 13.36 -12.26 48.64
CA LYS A 378 14.32 -13.27 48.18
C LYS A 378 13.79 -14.18 47.05
N PRO A 379 12.62 -14.86 47.23
CA PRO A 379 12.12 -15.74 46.15
C PRO A 379 11.78 -15.00 44.87
N LEU A 380 11.30 -13.75 45.02
CA LEU A 380 10.93 -12.90 43.89
C LEU A 380 12.14 -12.49 43.08
N VAL A 381 13.25 -12.15 43.76
CA VAL A 381 14.51 -11.77 43.12
C VAL A 381 15.12 -12.96 42.39
N GLU A 382 15.14 -14.13 43.05
CA GLU A 382 15.74 -15.34 42.51
C GLU A 382 15.13 -15.90 41.24
N GLU A 383 13.79 -15.83 41.11
CA GLU A 383 13.06 -16.33 39.95
C GLU A 383 13.62 -15.77 38.61
N PRO A 384 13.71 -14.41 38.43
CA PRO A 384 14.25 -13.87 37.17
C PRO A 384 15.72 -14.20 37.03
N GLN A 385 16.47 -14.11 38.15
CA GLN A 385 17.90 -14.42 38.18
C GLN A 385 18.19 -15.81 37.64
N ASN A 386 17.49 -16.82 38.16
CA ASN A 386 17.69 -18.20 37.71
C ASN A 386 17.23 -18.39 36.27
N LEU A 387 16.11 -17.76 35.91
CA LEU A 387 15.58 -17.86 34.56
C LEU A 387 16.57 -17.34 33.53
N ILE A 388 17.30 -16.25 33.87
CA ILE A 388 18.31 -15.68 32.99
C ILE A 388 19.50 -16.63 32.90
N LYS A 389 19.94 -17.17 34.05
CA LYS A 389 21.08 -18.09 34.11
C LYS A 389 20.88 -19.31 33.24
N GLN A 390 19.73 -19.96 33.41
CA GLN A 390 19.40 -21.15 32.64
C GLN A 390 19.30 -20.88 31.14
N ASN A 391 18.69 -19.75 30.79
CA ASN A 391 18.52 -19.39 29.38
C ASN A 391 19.80 -18.96 28.70
N CYS A 392 20.66 -18.22 29.42
CA CYS A 392 21.96 -17.78 28.90
C CYS A 392 22.87 -18.98 28.74
N GLU A 393 22.75 -19.94 29.66
CA GLU A 393 23.56 -21.15 29.59
C GLU A 393 23.12 -22.01 28.41
N LEU A 394 21.81 -22.04 28.17
CA LEU A 394 21.26 -22.79 27.05
C LEU A 394 21.62 -22.13 25.72
N PHE A 395 21.59 -20.80 25.68
CA PHE A 395 21.98 -20.03 24.49
C PHE A 395 23.43 -20.27 24.14
N GLU A 396 24.30 -20.22 25.15
CA GLU A 396 25.75 -20.39 24.99
C GLU A 396 26.11 -21.78 24.45
N GLN A 397 25.23 -22.77 24.66
CA GLN A 397 25.45 -24.14 24.19
C GLN A 397 24.76 -24.39 22.84
N LEU A 398 23.75 -23.57 22.49
CA LEU A 398 22.99 -23.78 21.26
C LEU A 398 23.33 -22.83 20.12
N GLY A 399 23.57 -21.57 20.43
CA GLY A 399 23.83 -20.57 19.40
C GLY A 399 22.51 -19.92 19.08
N GLU A 400 22.54 -18.71 18.51
CA GLU A 400 21.33 -17.93 18.21
C GLU A 400 20.23 -18.68 17.44
N TYR A 401 20.56 -19.27 16.27
CA TYR A 401 19.59 -19.99 15.45
C TYR A 401 18.91 -21.14 16.14
N LYS A 402 19.69 -22.08 16.68
CA LYS A 402 19.16 -23.24 17.38
C LYS A 402 18.40 -22.80 18.62
N PHE A 403 18.87 -21.70 19.25
CA PHE A 403 18.24 -21.15 20.45
C PHE A 403 16.86 -20.65 20.08
N GLN A 404 16.76 -19.89 18.99
CA GLN A 404 15.50 -19.34 18.49
C GLN A 404 14.50 -20.46 18.26
N ASN A 405 14.97 -21.55 17.63
CA ASN A 405 14.14 -22.71 17.32
C ASN A 405 13.63 -23.40 18.57
N ALA A 406 14.45 -23.45 19.63
CA ALA A 406 14.05 -24.06 20.89
C ALA A 406 12.94 -23.22 21.50
N LEU A 407 13.05 -21.88 21.42
CA LEU A 407 12.04 -20.95 21.93
C LEU A 407 10.79 -21.04 21.09
N LEU A 408 10.96 -21.16 19.77
CA LEU A 408 9.90 -21.27 18.78
C LEU A 408 8.98 -22.43 19.15
N VAL A 409 9.56 -23.63 19.36
CA VAL A 409 8.82 -24.84 19.72
C VAL A 409 8.18 -24.65 21.08
N ARG A 410 8.93 -24.15 22.07
CA ARG A 410 8.44 -23.94 23.43
C ARG A 410 7.21 -23.07 23.51
N TYR A 411 7.23 -21.92 22.82
CA TYR A 411 6.09 -21.02 22.84
C TYR A 411 4.92 -21.50 21.99
N THR A 412 5.21 -22.08 20.82
CA THR A 412 4.16 -22.63 19.95
C THR A 412 3.43 -23.75 20.69
N LYS A 413 4.17 -24.61 21.42
CA LYS A 413 3.62 -25.71 22.22
C LYS A 413 2.69 -25.16 23.30
N LYS A 414 3.04 -24.00 23.90
CA LYS A 414 2.22 -23.39 24.93
C LYS A 414 0.95 -22.80 24.33
N VAL A 415 1.08 -22.01 23.25
CA VAL A 415 -0.07 -21.38 22.59
C VAL A 415 0.01 -21.54 21.06
N SER A 419 -0.99 -17.56 15.06
CA SER A 419 -0.24 -17.29 13.83
C SER A 419 1.26 -17.53 13.87
N THR A 420 1.65 -18.38 12.95
CA THR A 420 3.02 -18.78 12.77
C THR A 420 3.92 -17.60 12.43
N PRO A 421 3.57 -16.68 11.49
CA PRO A 421 4.49 -15.59 11.19
C PRO A 421 4.91 -14.78 12.41
N THR A 422 3.96 -14.57 13.31
CA THR A 422 4.16 -13.83 14.55
C THR A 422 5.10 -14.60 15.47
N LEU A 423 4.86 -15.92 15.59
CA LEU A 423 5.67 -16.77 16.44
C LEU A 423 7.10 -16.84 15.96
N VAL A 424 7.29 -16.81 14.65
CA VAL A 424 8.63 -16.80 14.06
C VAL A 424 9.35 -15.50 14.41
N GLU A 425 8.71 -14.36 14.14
CA GLU A 425 9.27 -13.03 14.40
C GLU A 425 9.64 -12.84 15.88
N VAL A 426 8.70 -13.12 16.78
CA VAL A 426 8.92 -12.97 18.23
C VAL A 426 10.05 -13.88 18.68
N SER A 427 10.02 -15.15 18.22
CA SER A 427 11.05 -16.13 18.56
C SER A 427 12.45 -15.67 18.11
N ARG A 428 12.55 -15.11 16.90
CA ARG A 428 13.78 -14.58 16.32
C ARG A 428 14.30 -13.45 17.22
N ASN A 429 13.41 -12.50 17.57
CA ASN A 429 13.73 -11.37 18.44
C ASN A 429 14.18 -11.85 19.81
N LEU A 430 13.49 -12.88 20.35
CA LEU A 430 13.84 -13.47 21.64
C LEU A 430 15.22 -14.09 21.59
N GLY A 431 15.55 -14.68 20.44
CA GLY A 431 16.87 -15.26 20.24
C GLY A 431 17.94 -14.19 20.31
N LYS A 432 17.63 -12.99 19.75
CA LYS A 432 18.49 -11.81 19.75
C LYS A 432 18.69 -11.28 21.17
N VAL A 433 17.62 -11.28 22.03
CA VAL A 433 17.70 -10.83 23.45
C VAL A 433 18.84 -11.58 24.07
N GLY A 434 18.83 -12.89 23.80
CA GLY A 434 19.80 -13.80 24.33
C GLY A 434 21.19 -13.37 23.93
N SER A 435 21.37 -13.20 22.61
CA SER A 435 22.64 -12.82 22.00
C SER A 435 23.15 -11.48 22.53
N LYS A 436 22.24 -10.53 22.72
CA LYS A 436 22.53 -9.18 23.21
C LYS A 436 22.90 -9.20 24.70
N CYS A 437 21.97 -9.68 25.51
CA CYS A 437 22.08 -9.66 26.96
C CYS A 437 23.03 -10.64 27.61
N CYS A 438 23.08 -11.88 27.11
CA CYS A 438 23.94 -12.89 27.71
C CYS A 438 25.41 -12.60 27.59
N LYS A 439 25.76 -11.68 26.69
CA LYS A 439 27.15 -11.30 26.47
C LYS A 439 27.59 -10.27 27.50
N HIS A 440 26.64 -9.80 28.32
CA HIS A 440 26.88 -8.79 29.34
C HIS A 440 27.15 -9.42 30.67
N PRO A 441 27.92 -8.73 31.55
CA PRO A 441 28.24 -9.29 32.87
C PRO A 441 26.96 -9.51 33.63
N GLU A 442 26.97 -10.51 34.51
CA GLU A 442 25.81 -10.94 35.31
C GLU A 442 25.02 -9.78 35.95
N ALA A 443 25.73 -8.80 36.48
CA ALA A 443 25.15 -7.64 37.15
C ALA A 443 24.27 -6.75 36.25
N LYS A 444 24.57 -6.72 34.93
CA LYS A 444 23.82 -5.91 33.97
C LYS A 444 22.80 -6.72 33.14
N ARG A 445 22.77 -8.06 33.29
CA ARG A 445 21.90 -8.91 32.48
C ARG A 445 20.40 -8.69 32.69
N MET A 446 19.94 -8.63 33.96
CA MET A 446 18.52 -8.47 34.27
C MET A 446 17.90 -7.25 33.64
N PRO A 447 18.51 -6.05 33.84
CA PRO A 447 17.93 -4.83 33.27
C PRO A 447 17.77 -4.89 31.78
N CYS A 448 18.78 -5.38 31.07
CA CYS A 448 18.56 -5.43 29.65
C CYS A 448 17.60 -6.49 29.18
N ALA A 449 17.61 -7.65 29.82
CA ALA A 449 16.77 -8.75 29.40
C ALA A 449 15.31 -8.51 29.65
N GLU A 450 14.95 -8.38 30.93
CA GLU A 450 13.57 -8.22 31.34
C GLU A 450 12.91 -6.98 30.78
N ASP A 451 13.67 -5.87 30.69
CA ASP A 451 13.12 -4.66 30.13
C ASP A 451 12.84 -4.78 28.63
N TYR A 452 13.73 -5.42 27.85
CA TYR A 452 13.51 -5.64 26.42
C TYR A 452 12.41 -6.70 26.18
N LEU A 453 12.36 -7.76 26.99
CA LEU A 453 11.34 -8.79 26.88
C LEU A 453 9.95 -8.22 27.10
N SER A 454 9.83 -7.27 28.05
CA SER A 454 8.56 -6.59 28.34
C SER A 454 8.04 -5.83 27.13
N VAL A 455 8.97 -5.38 26.26
CA VAL A 455 8.67 -4.68 25.01
C VAL A 455 8.16 -5.69 24.00
N VAL A 456 8.93 -6.76 23.75
CA VAL A 456 8.57 -7.82 22.81
C VAL A 456 7.21 -8.43 23.14
N LEU A 457 6.97 -8.70 24.42
CA LEU A 457 5.69 -9.25 24.86
C LEU A 457 4.54 -8.26 24.69
N ASN A 458 4.78 -6.96 24.93
CA ASN A 458 3.75 -5.94 24.71
C ASN A 458 3.36 -5.87 23.21
N GLN A 459 4.35 -6.00 22.32
CA GLN A 459 4.15 -6.00 20.88
C GLN A 459 3.29 -7.22 20.50
N LEU A 460 3.57 -8.37 21.12
CA LEU A 460 2.81 -9.59 20.89
C LEU A 460 1.36 -9.38 21.34
N CYS A 461 1.18 -8.74 22.51
CA CYS A 461 -0.15 -8.42 23.07
C CYS A 461 -0.91 -7.56 22.09
N VAL A 462 -0.26 -6.52 21.54
CA VAL A 462 -0.86 -5.59 20.58
C VAL A 462 -1.35 -6.35 19.34
N LEU A 463 -0.52 -7.24 18.82
CA LEU A 463 -0.80 -8.08 17.66
C LEU A 463 -1.95 -9.05 17.95
N HIS A 464 -2.06 -9.54 19.18
CA HIS A 464 -3.17 -10.42 19.54
C HIS A 464 -4.44 -9.55 19.65
N GLU A 465 -4.28 -8.35 20.26
CA GLU A 465 -5.36 -7.38 20.50
C GLU A 465 -6.15 -7.00 19.25
N LYS A 466 -5.48 -6.77 18.13
CA LYS A 466 -6.12 -6.41 16.86
C LYS A 466 -7.04 -7.51 16.35
N THR A 467 -6.62 -8.78 16.52
CA THR A 467 -7.36 -9.98 16.11
C THR A 467 -7.38 -11.02 17.25
N PRO A 468 -8.21 -10.80 18.31
CA PRO A 468 -8.21 -11.74 19.44
C PRO A 468 -8.84 -13.11 19.16
N VAL A 469 -7.98 -14.06 18.74
CA VAL A 469 -8.30 -15.47 18.41
C VAL A 469 -7.96 -16.35 19.64
N SER A 470 -6.97 -15.92 20.44
CA SER A 470 -6.51 -16.61 21.66
C SER A 470 -7.03 -15.93 22.95
N ASP A 471 -7.08 -16.69 24.05
CA ASP A 471 -7.63 -16.24 25.35
C ASP A 471 -6.56 -16.09 26.43
N ARG A 472 -5.64 -17.07 26.47
CA ARG A 472 -4.55 -17.17 27.44
C ARG A 472 -3.65 -15.94 27.36
N VAL A 473 -3.37 -15.50 26.13
CA VAL A 473 -2.53 -14.34 25.87
C VAL A 473 -3.22 -13.08 26.34
N THR A 474 -4.50 -12.88 26.04
CA THR A 474 -5.18 -11.65 26.45
C THR A 474 -5.23 -11.53 27.97
N LYS A 475 -5.49 -12.65 28.64
CA LYS A 475 -5.49 -12.74 30.08
C LYS A 475 -4.18 -12.23 30.64
N CYS A 476 -3.04 -12.82 30.21
CA CYS A 476 -1.71 -12.40 30.66
C CYS A 476 -1.39 -10.97 30.28
N CYS A 477 -1.82 -10.55 29.09
CA CYS A 477 -1.56 -9.21 28.58
C CYS A 477 -2.23 -8.13 29.39
N THR A 478 -3.52 -8.31 29.69
CA THR A 478 -4.30 -7.30 30.44
C THR A 478 -4.36 -7.48 31.96
N GLU A 479 -3.94 -8.65 32.45
CA GLU A 479 -3.92 -8.95 33.89
C GLU A 479 -3.14 -7.88 34.66
N SER A 480 -1.79 -7.98 34.71
CA SER A 480 -0.90 -7.02 35.37
C SER A 480 0.30 -6.83 34.47
N LEU A 481 0.66 -5.57 34.26
CA LEU A 481 1.77 -5.19 33.40
C LEU A 481 3.12 -5.72 33.93
N VAL A 482 3.30 -5.69 35.26
CA VAL A 482 4.51 -6.11 35.97
C VAL A 482 4.60 -7.63 35.98
N ASN A 483 3.44 -8.29 35.97
CA ASN A 483 3.32 -9.74 36.02
C ASN A 483 3.09 -10.35 34.65
N ARG A 484 3.24 -9.57 33.57
CA ARG A 484 3.06 -10.03 32.19
C ARG A 484 3.99 -11.20 31.87
N ARG A 485 5.32 -10.98 32.01
CA ARG A 485 6.32 -12.00 31.76
C ARG A 485 6.14 -13.23 32.63
N PRO A 486 6.04 -13.13 33.99
CA PRO A 486 5.87 -14.35 34.76
C PRO A 486 4.61 -15.11 34.40
N CYS A 487 3.51 -14.39 34.10
CA CYS A 487 2.21 -14.97 33.72
C CYS A 487 2.43 -15.82 32.48
N PHE A 488 2.97 -15.16 31.47
CA PHE A 488 3.25 -15.69 30.16
C PHE A 488 4.29 -16.76 30.19
N SER A 489 5.36 -16.51 30.95
CA SER A 489 6.47 -17.42 31.09
C SER A 489 6.01 -18.70 31.73
N ALA A 490 5.10 -18.60 32.71
CA ALA A 490 4.65 -19.76 33.46
C ALA A 490 3.59 -20.62 32.79
N LEU A 491 3.10 -20.16 31.64
CA LEU A 491 2.10 -20.91 30.92
C LEU A 491 2.58 -22.27 30.55
N GLU A 492 1.62 -23.19 30.53
CA GLU A 492 1.85 -24.58 30.23
C GLU A 492 1.37 -24.94 28.83
N VAL A 493 1.76 -26.14 28.39
CA VAL A 493 1.37 -26.69 27.09
C VAL A 493 -0.15 -26.78 27.05
N LYS B 4 19.66 -5.37 -38.15
CA LYS B 4 18.31 -4.92 -37.82
C LYS B 4 18.05 -4.94 -36.32
N SER B 5 17.57 -3.81 -35.81
CA SER B 5 17.25 -3.60 -34.41
C SER B 5 15.77 -3.36 -34.28
N GLU B 6 15.09 -4.26 -33.56
CA GLU B 6 13.65 -4.19 -33.32
C GLU B 6 13.30 -2.95 -32.51
N VAL B 7 14.16 -2.60 -31.52
CA VAL B 7 14.06 -1.39 -30.69
C VAL B 7 13.81 -0.13 -31.50
N ALA B 8 14.66 0.12 -32.51
CA ALA B 8 14.58 1.30 -33.36
C ALA B 8 13.34 1.29 -34.25
N HIS B 9 12.97 0.10 -34.78
CA HIS B 9 11.80 -0.08 -35.62
C HIS B 9 10.57 0.37 -34.84
N ARG B 10 10.45 -0.14 -33.60
CA ARG B 10 9.36 0.15 -32.67
C ARG B 10 9.34 1.58 -32.22
N PHE B 11 10.51 2.14 -31.89
CA PHE B 11 10.64 3.54 -31.49
C PHE B 11 10.18 4.48 -32.60
N LYS B 12 10.58 4.19 -33.85
CA LYS B 12 10.23 4.97 -35.04
C LYS B 12 8.74 4.92 -35.33
N ASP B 13 8.14 3.73 -35.20
CA ASP B 13 6.73 3.56 -35.48
C ASP B 13 5.84 4.10 -34.38
N LEU B 14 6.15 3.79 -33.12
CA LEU B 14 5.34 4.23 -31.98
C LEU B 14 5.49 5.69 -31.63
N GLY B 15 6.71 6.21 -31.77
CA GLY B 15 7.05 7.54 -31.34
C GLY B 15 7.50 7.48 -29.90
N GLU B 16 8.44 8.36 -29.50
CA GLU B 16 9.05 8.41 -28.17
C GLU B 16 8.06 8.36 -27.01
N GLU B 17 7.07 9.26 -26.99
CA GLU B 17 6.07 9.37 -25.93
C GLU B 17 5.32 8.04 -25.68
N ASN B 18 4.72 7.48 -26.75
CA ASN B 18 4.00 6.21 -26.73
C ASN B 18 4.92 5.05 -26.34
N PHE B 19 6.19 5.08 -26.84
CA PHE B 19 7.24 4.10 -26.56
C PHE B 19 7.54 4.05 -25.05
N LYS B 20 7.87 5.21 -24.45
CA LYS B 20 8.20 5.37 -23.03
C LYS B 20 7.07 4.90 -22.11
N ALA B 21 5.82 5.21 -22.49
CA ALA B 21 4.63 4.81 -21.73
C ALA B 21 4.50 3.30 -21.75
N LEU B 22 4.69 2.67 -22.92
CA LEU B 22 4.57 1.23 -23.06
C LEU B 22 5.62 0.46 -22.31
N VAL B 23 6.85 0.99 -22.29
CA VAL B 23 7.98 0.40 -21.56
C VAL B 23 7.64 0.48 -20.06
N LEU B 24 7.09 1.63 -19.63
CA LEU B 24 6.68 1.80 -18.24
C LEU B 24 5.62 0.80 -17.82
N ILE B 25 4.57 0.63 -18.65
CA ILE B 25 3.51 -0.34 -18.40
C ILE B 25 4.12 -1.74 -18.34
N ALA B 26 5.00 -2.07 -19.32
CA ALA B 26 5.67 -3.35 -19.44
C ALA B 26 6.41 -3.72 -18.16
N PHE B 27 7.20 -2.78 -17.62
CA PHE B 27 7.94 -3.00 -16.37
C PHE B 27 7.03 -3.10 -15.16
N ALA B 28 6.06 -2.19 -15.05
CA ALA B 28 5.11 -2.15 -13.95
C ALA B 28 4.25 -3.41 -13.87
N GLN B 29 3.93 -4.02 -15.03
CA GLN B 29 3.11 -5.22 -15.08
C GLN B 29 3.88 -6.47 -14.64
N TYR B 30 5.21 -6.38 -14.63
CA TYR B 30 6.07 -7.48 -14.20
C TYR B 30 6.58 -7.22 -12.78
N LEU B 31 7.22 -6.06 -12.56
CA LEU B 31 7.70 -5.66 -11.23
C LEU B 31 6.62 -4.83 -10.59
N GLN B 32 5.55 -5.51 -10.14
CA GLN B 32 4.40 -4.88 -9.49
C GLN B 32 4.82 -4.28 -8.13
N GLN B 33 5.77 -4.95 -7.45
CA GLN B 33 6.29 -4.58 -6.13
C GLN B 33 7.23 -3.37 -6.15
N CYS B 34 7.95 -3.12 -7.27
CA CYS B 34 8.91 -2.04 -7.32
C CYS B 34 8.35 -0.62 -7.29
N PRO B 35 9.03 0.31 -6.53
CA PRO B 35 8.57 1.71 -6.47
C PRO B 35 8.57 2.42 -7.81
N PHE B 36 7.82 3.53 -7.89
CA PHE B 36 7.70 4.35 -9.08
C PHE B 36 9.03 4.85 -9.66
N GLU B 37 9.89 5.52 -8.83
CA GLU B 37 11.20 6.07 -9.24
C GLU B 37 12.13 4.99 -9.80
N ASP B 38 12.06 3.77 -9.23
CA ASP B 38 12.82 2.59 -9.64
C ASP B 38 12.55 2.34 -11.12
N HIS B 39 11.24 2.32 -11.52
CA HIS B 39 10.79 2.11 -12.90
C HIS B 39 11.18 3.24 -13.81
N VAL B 40 11.02 4.51 -13.39
CA VAL B 40 11.36 5.67 -14.20
C VAL B 40 12.82 5.64 -14.64
N LYS B 41 13.73 5.24 -13.72
CA LYS B 41 15.16 5.09 -14.00
C LYS B 41 15.31 4.09 -15.14
N LEU B 42 14.66 2.91 -15.01
CA LEU B 42 14.71 1.85 -16.01
C LEU B 42 14.24 2.35 -17.37
N VAL B 43 13.07 3.00 -17.42
CA VAL B 43 12.48 3.53 -18.65
C VAL B 43 13.42 4.50 -19.36
N ASN B 44 13.97 5.46 -18.61
CA ASN B 44 14.85 6.47 -19.17
C ASN B 44 16.11 5.85 -19.75
N GLU B 45 16.67 4.87 -19.04
CA GLU B 45 17.85 4.16 -19.49
C GLU B 45 17.54 3.42 -20.80
N VAL B 46 16.42 2.69 -20.85
CA VAL B 46 15.97 1.94 -22.04
C VAL B 46 15.77 2.91 -23.22
N THR B 47 15.09 4.04 -22.97
CA THR B 47 14.78 5.03 -23.98
C THR B 47 16.04 5.69 -24.55
N GLU B 48 17.00 6.02 -23.69
CA GLU B 48 18.26 6.64 -24.10
C GLU B 48 19.02 5.70 -25.03
N PHE B 49 19.02 4.41 -24.69
CA PHE B 49 19.66 3.37 -25.47
C PHE B 49 18.95 3.22 -26.80
N ALA B 50 17.60 3.13 -26.78
CA ALA B 50 16.78 3.03 -27.98
C ALA B 50 17.13 4.15 -28.97
N LYS B 51 17.35 5.37 -28.47
CA LYS B 51 17.70 6.51 -29.30
C LYS B 51 19.03 6.31 -30.07
N THR B 52 20.01 5.62 -29.45
CA THR B 52 21.30 5.32 -30.08
C THR B 52 21.06 4.37 -31.26
N CYS B 53 20.15 3.43 -31.06
CA CYS B 53 19.72 2.43 -32.04
C CYS B 53 19.00 3.08 -33.17
N VAL B 54 18.16 4.10 -32.88
CA VAL B 54 17.41 4.85 -33.86
C VAL B 54 18.40 5.52 -34.78
N ALA B 55 19.42 6.17 -34.19
CA ALA B 55 20.47 6.86 -34.93
C ALA B 55 21.30 5.89 -35.78
N ASP B 56 21.72 4.76 -35.23
CA ASP B 56 22.52 3.76 -35.94
C ASP B 56 22.07 2.36 -35.51
N GLU B 57 21.50 1.58 -36.45
CA GLU B 57 20.96 0.22 -36.21
C GLU B 57 22.07 -0.77 -35.83
N SER B 58 23.28 -0.34 -36.11
CA SER B 58 24.49 -1.11 -35.91
C SER B 58 25.10 -0.80 -34.57
N ALA B 59 24.34 -0.12 -33.72
CA ALA B 59 24.82 0.29 -32.43
C ALA B 59 25.09 -1.00 -31.73
N GLU B 60 25.74 -0.91 -30.56
CA GLU B 60 26.41 -2.04 -29.92
C GLU B 60 25.57 -3.26 -29.53
N ASN B 61 24.39 -3.04 -28.99
CA ASN B 61 23.54 -4.17 -28.63
C ASN B 61 22.20 -4.09 -29.29
N CYS B 62 22.08 -3.08 -30.14
CA CYS B 62 20.87 -2.68 -30.83
C CYS B 62 20.15 -3.81 -31.55
N ASP B 63 20.88 -4.83 -31.99
CA ASP B 63 20.35 -5.99 -32.72
C ASP B 63 19.69 -7.03 -31.85
N LYS B 64 19.80 -6.92 -30.51
CA LYS B 64 19.26 -7.89 -29.56
C LYS B 64 17.75 -7.82 -29.53
N SER B 65 17.11 -8.96 -29.22
CA SER B 65 15.66 -9.04 -29.17
C SER B 65 15.12 -8.19 -28.04
N LEU B 66 13.85 -7.80 -28.14
CA LEU B 66 13.20 -6.99 -27.13
C LEU B 66 13.15 -7.74 -25.82
N HIS B 67 12.83 -9.04 -25.88
CA HIS B 67 12.76 -9.89 -24.69
C HIS B 67 14.11 -9.96 -23.99
N THR B 68 15.20 -10.14 -24.78
CA THR B 68 16.57 -10.19 -24.24
C THR B 68 16.86 -8.90 -23.49
N LEU B 69 16.72 -7.75 -24.18
CA LEU B 69 16.98 -6.43 -23.63
C LEU B 69 16.13 -6.12 -22.40
N PHE B 70 14.81 -6.44 -22.47
CA PHE B 70 13.89 -6.20 -21.37
C PHE B 70 14.21 -7.05 -20.18
N GLY B 71 14.45 -8.34 -20.40
CA GLY B 71 14.80 -9.26 -19.32
C GLY B 71 16.06 -8.84 -18.60
N ASP B 72 17.08 -8.44 -19.38
CA ASP B 72 18.36 -7.97 -18.85
C ASP B 72 18.14 -6.74 -17.97
N LYS B 73 17.27 -5.82 -18.41
CA LYS B 73 16.94 -4.61 -17.67
C LYS B 73 16.21 -4.91 -16.38
N LEU B 74 15.31 -5.92 -16.41
CA LEU B 74 14.58 -6.37 -15.24
C LEU B 74 15.56 -6.94 -14.24
N CYS B 75 16.59 -7.62 -14.76
CA CYS B 75 17.65 -8.24 -14.01
C CYS B 75 18.57 -7.28 -13.28
N THR B 76 18.60 -5.97 -13.66
CA THR B 76 19.42 -4.96 -12.97
C THR B 76 18.88 -4.86 -11.54
N VAL B 77 17.54 -4.75 -11.39
CA VAL B 77 16.84 -4.67 -10.12
C VAL B 77 16.73 -6.08 -9.53
N GLU B 86 10.61 -15.35 -5.66
CA GLU B 86 10.52 -16.15 -6.89
C GLU B 86 10.94 -15.37 -8.13
N MET B 87 10.66 -14.04 -8.16
CA MET B 87 11.00 -13.14 -9.27
C MET B 87 12.47 -13.26 -9.60
N ALA B 88 13.31 -13.33 -8.54
CA ALA B 88 14.76 -13.46 -8.61
C ALA B 88 15.15 -14.71 -9.38
N ASP B 89 14.32 -15.78 -9.29
CA ASP B 89 14.60 -17.01 -10.00
C ASP B 89 14.50 -16.83 -11.50
N CYS B 90 13.53 -16.04 -11.98
CA CYS B 90 13.35 -15.82 -13.42
C CYS B 90 14.58 -15.19 -14.03
N CYS B 91 15.18 -14.28 -13.28
CA CYS B 91 16.36 -13.53 -13.66
C CYS B 91 17.57 -14.43 -13.92
N ALA B 92 17.66 -15.55 -13.17
CA ALA B 92 18.75 -16.52 -13.30
C ALA B 92 18.59 -17.41 -14.55
N LYS B 93 17.44 -17.34 -15.24
CA LYS B 93 17.13 -18.14 -16.45
C LYS B 93 17.52 -17.39 -17.72
N GLN B 94 17.63 -18.11 -18.83
CA GLN B 94 17.98 -17.49 -20.10
C GLN B 94 16.78 -17.44 -21.03
N GLU B 95 16.80 -16.52 -22.02
CA GLU B 95 15.73 -16.39 -23.01
C GLU B 95 15.69 -17.66 -23.90
N PRO B 96 14.52 -18.28 -24.21
CA PRO B 96 13.14 -17.87 -23.92
C PRO B 96 12.53 -18.30 -22.59
N GLU B 97 13.22 -19.16 -21.80
CA GLU B 97 12.72 -19.65 -20.49
C GLU B 97 12.46 -18.51 -19.53
N ARG B 98 13.33 -17.49 -19.56
CA ARG B 98 13.22 -16.32 -18.70
C ARG B 98 11.90 -15.58 -18.90
N ASN B 99 11.52 -15.29 -20.15
CA ASN B 99 10.27 -14.59 -20.45
C ASN B 99 9.06 -15.39 -19.96
N GLU B 100 9.04 -16.70 -20.25
CA GLU B 100 8.01 -17.67 -19.87
C GLU B 100 7.85 -17.63 -18.35
N CYS B 101 8.99 -17.65 -17.63
CA CYS B 101 9.06 -17.59 -16.17
C CYS B 101 8.41 -16.34 -15.66
N PHE B 102 8.77 -15.16 -16.23
CA PHE B 102 8.21 -13.88 -15.82
C PHE B 102 6.71 -13.88 -16.06
N LEU B 103 6.28 -14.42 -17.21
CA LEU B 103 4.87 -14.50 -17.57
C LEU B 103 4.06 -15.32 -16.58
N GLN B 104 4.61 -16.45 -16.11
CA GLN B 104 3.96 -17.32 -15.12
C GLN B 104 3.89 -16.64 -13.76
N HIS B 105 4.74 -15.63 -13.53
CA HIS B 105 4.80 -14.91 -12.27
C HIS B 105 3.96 -13.65 -12.20
N LYS B 106 3.38 -13.25 -13.31
CA LYS B 106 2.49 -12.14 -13.22
C LYS B 106 1.51 -12.87 -12.39
N ASP B 107 0.94 -12.24 -11.39
CA ASP B 107 -0.03 -12.93 -10.62
C ASP B 107 -1.12 -11.93 -10.53
N ASP B 108 -2.34 -12.34 -10.83
CA ASP B 108 -3.41 -11.36 -10.95
C ASP B 108 -3.70 -10.57 -9.67
N ASN B 109 -3.67 -11.24 -8.53
CA ASN B 109 -3.95 -10.61 -7.25
C ASN B 109 -2.88 -10.51 -6.16
N PRO B 110 -1.60 -10.84 -6.42
CA PRO B 110 -0.68 -10.81 -5.29
C PRO B 110 -0.93 -9.38 -4.82
N ASN B 111 -1.27 -9.27 -3.54
CA ASN B 111 -1.90 -8.08 -2.97
C ASN B 111 -1.17 -6.74 -2.98
N LEU B 112 -1.95 -5.71 -3.27
CA LEU B 112 -1.54 -4.32 -3.15
C LEU B 112 -2.63 -3.47 -2.55
N PRO B 113 -2.26 -2.64 -1.59
CA PRO B 113 -3.26 -1.87 -0.88
C PRO B 113 -4.02 -1.09 -1.91
N ARG B 114 -5.33 -1.00 -1.74
CA ARG B 114 -6.12 -0.33 -2.74
C ARG B 114 -5.63 1.10 -2.77
N LEU B 115 -5.78 1.75 -3.90
CA LEU B 115 -5.29 3.09 -4.03
C LEU B 115 -6.05 4.07 -3.22
N VAL B 116 -5.30 4.96 -2.58
CA VAL B 116 -5.78 6.08 -1.80
C VAL B 116 -5.40 7.32 -2.58
N ARG B 117 -6.40 7.95 -3.18
CA ARG B 117 -6.19 9.13 -4.00
C ARG B 117 -6.04 10.37 -3.15
N PRO B 118 -5.10 11.28 -3.52
CA PRO B 118 -4.94 12.52 -2.75
C PRO B 118 -6.16 13.43 -2.92
N GLU B 119 -6.19 14.55 -2.20
CA GLU B 119 -7.30 15.46 -2.37
C GLU B 119 -7.22 16.16 -3.70
N VAL B 120 -8.39 16.46 -4.28
CA VAL B 120 -8.53 17.09 -5.60
C VAL B 120 -7.61 18.31 -5.79
N ASP B 121 -7.54 19.19 -4.78
CA ASP B 121 -6.69 20.39 -4.82
C ASP B 121 -5.22 19.99 -4.98
N VAL B 122 -4.79 18.93 -4.26
CA VAL B 122 -3.42 18.40 -4.31
C VAL B 122 -3.14 17.83 -5.70
N MET B 123 -4.07 16.99 -6.21
CA MET B 123 -3.96 16.35 -7.52
C MET B 123 -3.84 17.39 -8.61
N CYS B 124 -4.76 18.36 -8.64
CA CYS B 124 -4.77 19.44 -9.63
C CYS B 124 -3.50 20.25 -9.65
N THR B 125 -2.94 20.50 -8.47
CA THR B 125 -1.69 21.25 -8.33
C THR B 125 -0.54 20.43 -8.86
N ALA B 126 -0.51 19.13 -8.51
CA ALA B 126 0.53 18.20 -8.97
C ALA B 126 0.46 18.10 -10.48
N PHE B 127 -0.77 18.01 -11.03
CA PHE B 127 -1.03 17.96 -12.47
C PHE B 127 -0.37 19.16 -13.16
N HIS B 128 -0.59 20.36 -12.62
CA HIS B 128 -0.05 21.61 -13.15
C HIS B 128 1.46 21.69 -13.05
N ASP B 129 2.02 21.34 -11.88
CA ASP B 129 3.46 21.41 -11.63
C ASP B 129 4.28 20.50 -12.53
N ASN B 130 3.77 19.28 -12.81
CA ASN B 130 4.44 18.30 -13.67
C ASN B 130 3.48 17.28 -14.22
N GLU B 131 2.83 17.64 -15.34
CA GLU B 131 1.87 16.82 -16.04
C GLU B 131 2.45 15.45 -16.42
N GLU B 132 3.70 15.43 -16.95
CA GLU B 132 4.40 14.22 -17.39
C GLU B 132 4.51 13.19 -16.27
N THR B 133 5.18 13.57 -15.16
CA THR B 133 5.39 12.71 -14.00
C THR B 133 4.08 12.33 -13.35
N PHE B 134 3.14 13.29 -13.26
CA PHE B 134 1.84 13.07 -12.70
C PHE B 134 1.09 11.96 -13.46
N LEU B 135 1.05 12.06 -14.78
CA LEU B 135 0.40 11.09 -15.65
C LEU B 135 1.11 9.75 -15.66
N LYS B 136 2.47 9.73 -15.67
CA LYS B 136 3.25 8.50 -15.60
C LYS B 136 2.96 7.77 -14.29
N LYS B 137 2.85 8.53 -13.17
CA LYS B 137 2.55 7.98 -11.84
C LYS B 137 1.29 7.13 -11.87
N TYR B 138 0.24 7.65 -12.49
CA TYR B 138 -1.05 6.99 -12.63
C TYR B 138 -0.95 5.76 -13.52
N LEU B 139 -0.21 5.88 -14.63
CA LEU B 139 0.01 4.80 -15.58
C LEU B 139 0.59 3.60 -14.82
N TYR B 140 1.59 3.90 -13.96
CA TYR B 140 2.28 2.94 -13.10
C TYR B 140 1.33 2.31 -12.10
N GLU B 141 0.49 3.12 -11.44
CA GLU B 141 -0.45 2.64 -10.43
C GLU B 141 -1.47 1.67 -11.00
N ILE B 142 -2.00 1.99 -12.19
CA ILE B 142 -2.98 1.13 -12.83
C ILE B 142 -2.36 -0.16 -13.35
N ALA B 143 -1.24 -0.02 -14.07
CA ALA B 143 -0.52 -1.15 -14.67
C ALA B 143 -0.13 -2.21 -13.66
N ARG B 144 0.55 -1.82 -12.56
CA ARG B 144 0.99 -2.78 -11.56
C ARG B 144 -0.16 -3.49 -10.87
N ARG B 145 -1.31 -2.82 -10.79
CA ARG B 145 -2.51 -3.35 -10.15
C ARG B 145 -3.30 -4.22 -11.09
N HIS B 146 -3.03 -4.09 -12.39
CA HIS B 146 -3.72 -4.85 -13.42
C HIS B 146 -2.71 -5.39 -14.43
N PRO B 147 -1.90 -6.42 -14.07
CA PRO B 147 -0.87 -6.92 -15.01
C PRO B 147 -1.32 -7.42 -16.38
N TYR B 148 -2.60 -7.73 -16.55
CA TYR B 148 -3.11 -8.21 -17.82
C TYR B 148 -3.94 -7.14 -18.55
N PHE B 149 -3.73 -5.85 -18.18
CA PHE B 149 -4.39 -4.68 -18.79
C PHE B 149 -3.95 -4.57 -20.25
N TYR B 150 -4.91 -4.35 -21.17
CA TYR B 150 -4.65 -4.23 -22.61
C TYR B 150 -3.86 -2.94 -22.86
N ALA B 151 -2.53 -3.03 -22.78
CA ALA B 151 -1.61 -1.89 -22.90
C ALA B 151 -2.02 -0.76 -23.84
N PRO B 152 -2.33 -1.00 -25.15
CA PRO B 152 -2.73 0.13 -26.02
C PRO B 152 -4.00 0.83 -25.55
N GLU B 153 -4.92 0.07 -24.92
CA GLU B 153 -6.16 0.61 -24.36
C GLU B 153 -5.88 1.46 -23.10
N LEU B 154 -4.90 1.06 -22.25
CA LEU B 154 -4.47 1.81 -21.07
C LEU B 154 -3.94 3.20 -21.45
N LEU B 155 -3.27 3.32 -22.61
CA LEU B 155 -2.76 4.59 -23.14
C LEU B 155 -3.95 5.51 -23.46
N PHE B 156 -5.08 4.94 -23.98
CA PHE B 156 -6.30 5.68 -24.26
C PHE B 156 -6.94 6.14 -22.95
N PHE B 157 -6.94 5.28 -21.92
CA PHE B 157 -7.46 5.63 -20.60
C PHE B 157 -6.68 6.80 -20.04
N ALA B 158 -5.34 6.81 -20.23
CA ALA B 158 -4.44 7.86 -19.77
C ALA B 158 -4.81 9.20 -20.37
N LYS B 159 -5.12 9.24 -21.67
CA LYS B 159 -5.53 10.45 -22.37
C LYS B 159 -6.90 10.91 -21.89
N ARG B 160 -7.72 9.98 -21.42
CA ARG B 160 -9.03 10.30 -20.86
C ARG B 160 -8.89 10.91 -19.46
N TYR B 161 -7.93 10.42 -18.67
CA TYR B 161 -7.60 10.87 -17.33
C TYR B 161 -7.03 12.29 -17.45
N LYS B 162 -6.11 12.50 -18.42
CA LYS B 162 -5.52 13.80 -18.73
C LYS B 162 -6.64 14.80 -19.06
N ALA B 163 -7.64 14.41 -19.88
CA ALA B 163 -8.76 15.25 -20.25
C ALA B 163 -9.59 15.65 -19.03
N ALA B 164 -9.82 14.69 -18.11
CA ALA B 164 -10.57 14.91 -16.88
C ALA B 164 -9.90 15.98 -16.02
N PHE B 165 -8.57 15.90 -15.86
CA PHE B 165 -7.80 16.88 -15.09
C PHE B 165 -7.73 18.23 -15.79
N THR B 166 -7.58 18.22 -17.11
CA THR B 166 -7.52 19.45 -17.91
C THR B 166 -8.81 20.26 -17.74
N GLU B 167 -9.96 19.59 -17.85
CA GLU B 167 -11.26 20.21 -17.74
C GLU B 167 -11.63 20.57 -16.30
N CYS B 168 -11.52 19.58 -15.39
CA CYS B 168 -11.92 19.74 -14.00
C CYS B 168 -11.08 20.61 -13.11
N CYS B 169 -9.77 20.75 -13.39
CA CYS B 169 -8.89 21.57 -12.56
C CYS B 169 -9.09 23.07 -12.77
N GLN B 170 -9.94 23.45 -13.76
CA GLN B 170 -10.27 24.82 -14.17
C GLN B 170 -11.69 25.22 -13.80
N ALA B 171 -12.39 24.27 -13.19
CA ALA B 171 -13.76 24.39 -12.76
C ALA B 171 -13.87 25.01 -11.34
N ALA B 172 -15.06 25.56 -11.02
CA ALA B 172 -15.37 26.18 -9.73
C ALA B 172 -15.22 25.14 -8.61
N ASP B 173 -15.96 24.00 -8.71
CA ASP B 173 -15.86 22.92 -7.74
C ASP B 173 -15.23 21.75 -8.48
N LYS B 174 -13.89 21.67 -8.38
CA LYS B 174 -13.02 20.66 -8.97
C LYS B 174 -13.53 19.24 -8.65
N ALA B 175 -13.82 18.96 -7.36
CA ALA B 175 -14.36 17.67 -6.92
C ALA B 175 -15.66 17.28 -7.60
N ALA B 176 -16.62 18.24 -7.78
CA ALA B 176 -17.91 18.01 -8.44
C ALA B 176 -17.70 17.58 -9.87
N CYS B 177 -16.70 18.15 -10.52
CA CYS B 177 -16.36 17.86 -11.91
C CYS B 177 -15.53 16.55 -12.00
N LEU B 178 -14.39 16.56 -11.32
CA LEU B 178 -13.41 15.51 -11.39
C LEU B 178 -13.70 14.11 -10.90
N LEU B 179 -14.39 14.00 -9.76
CA LEU B 179 -14.64 12.71 -9.11
C LEU B 179 -15.48 11.66 -9.87
N PRO B 180 -16.58 12.08 -10.49
CA PRO B 180 -17.43 11.19 -11.23
C PRO B 180 -16.66 10.65 -12.39
N LYS B 181 -15.92 11.51 -13.04
CA LYS B 181 -15.09 11.10 -14.14
C LYS B 181 -14.01 10.14 -13.73
N LEU B 182 -13.33 10.47 -12.64
CA LEU B 182 -12.23 9.65 -12.14
C LEU B 182 -12.70 8.28 -11.74
N ASP B 183 -13.96 8.18 -11.24
CA ASP B 183 -14.62 6.95 -10.78
C ASP B 183 -15.30 6.20 -11.91
N GLU B 184 -15.88 6.90 -12.91
CA GLU B 184 -16.49 6.22 -14.07
C GLU B 184 -15.38 5.54 -14.85
N LEU B 185 -14.22 6.24 -14.95
CA LEU B 185 -12.97 5.84 -15.60
C LEU B 185 -12.37 4.66 -14.86
N ARG B 186 -12.42 4.66 -13.51
CA ARG B 186 -11.92 3.59 -12.65
C ARG B 186 -12.77 2.30 -12.83
N ASP B 187 -14.10 2.49 -12.96
CA ASP B 187 -15.08 1.42 -13.18
C ASP B 187 -14.82 0.75 -14.54
N GLU B 188 -14.66 1.59 -15.60
CA GLU B 188 -14.37 1.16 -16.99
C GLU B 188 -13.09 0.38 -17.01
N GLY B 189 -12.06 0.93 -16.36
CA GLY B 189 -10.73 0.35 -16.23
C GLY B 189 -10.75 -1.11 -15.79
N LYS B 190 -11.54 -1.40 -14.76
CA LYS B 190 -11.69 -2.75 -14.21
C LYS B 190 -12.50 -3.66 -15.13
N ALA B 191 -13.56 -3.12 -15.78
CA ALA B 191 -14.41 -3.84 -16.71
C ALA B 191 -13.58 -4.29 -17.92
N SER B 192 -12.77 -3.35 -18.47
CA SER B 192 -11.87 -3.53 -19.60
C SER B 192 -10.73 -4.51 -19.24
N SER B 193 -10.14 -4.38 -18.03
CA SER B 193 -9.04 -5.23 -17.56
C SER B 193 -9.45 -6.70 -17.34
N ALA B 194 -10.70 -6.94 -16.95
CA ALA B 194 -11.21 -8.29 -16.71
C ALA B 194 -11.42 -9.02 -18.03
N LYS B 195 -11.96 -8.31 -19.04
CA LYS B 195 -12.15 -8.79 -20.41
C LYS B 195 -10.81 -9.23 -20.98
N GLN B 196 -9.76 -8.42 -20.74
CA GLN B 196 -8.43 -8.73 -21.21
C GLN B 196 -7.85 -9.97 -20.53
N ARG B 197 -8.25 -10.28 -19.28
CA ARG B 197 -7.79 -11.51 -18.60
C ARG B 197 -8.44 -12.76 -19.23
N LEU B 198 -9.74 -12.65 -19.57
CA LEU B 198 -10.53 -13.71 -20.20
C LEU B 198 -9.86 -14.14 -21.51
N LYS B 199 -9.53 -13.15 -22.38
CA LYS B 199 -8.88 -13.34 -23.68
C LYS B 199 -7.52 -14.00 -23.52
N CYS B 200 -6.71 -13.51 -22.55
CA CYS B 200 -5.37 -14.05 -22.28
C CYS B 200 -5.44 -15.46 -21.79
N ALA B 201 -6.41 -15.78 -20.91
CA ALA B 201 -6.59 -17.13 -20.37
C ALA B 201 -6.91 -18.10 -21.52
N SER B 202 -7.75 -17.66 -22.50
CA SER B 202 -8.15 -18.41 -23.68
C SER B 202 -6.93 -18.76 -24.51
N LEU B 203 -6.04 -17.78 -24.68
CA LEU B 203 -4.84 -17.92 -25.49
C LEU B 203 -3.80 -18.78 -24.82
N GLN B 204 -3.48 -18.46 -23.56
CA GLN B 204 -2.45 -19.11 -22.77
C GLN B 204 -2.67 -20.58 -22.45
N LYS B 205 -3.91 -20.99 -22.16
CA LYS B 205 -4.18 -22.39 -21.81
C LYS B 205 -4.75 -23.25 -22.94
N PHE B 206 -5.70 -22.71 -23.70
CA PHE B 206 -6.35 -23.48 -24.77
C PHE B 206 -5.77 -23.29 -26.17
N GLY B 207 -4.98 -22.25 -26.37
CA GLY B 207 -4.49 -21.87 -27.69
C GLY B 207 -5.47 -20.94 -28.40
N GLU B 208 -5.11 -20.54 -29.60
CA GLU B 208 -5.92 -19.59 -30.34
C GLU B 208 -7.32 -20.11 -30.67
N ARG B 209 -7.42 -21.40 -30.95
CA ARG B 209 -8.59 -21.94 -31.60
C ARG B 209 -9.85 -21.40 -30.97
N ALA B 210 -9.81 -21.29 -29.67
CA ALA B 210 -10.90 -20.79 -28.84
C ALA B 210 -11.12 -19.28 -29.04
N PHE B 211 -10.02 -18.51 -29.03
CA PHE B 211 -10.04 -17.06 -29.23
C PHE B 211 -10.59 -16.73 -30.59
N LYS B 212 -10.08 -17.42 -31.63
CA LYS B 212 -10.47 -17.20 -33.01
C LYS B 212 -11.95 -17.45 -33.23
N ALA B 213 -12.49 -18.49 -32.57
CA ALA B 213 -13.90 -18.83 -32.64
C ALA B 213 -14.72 -17.67 -32.12
N TRP B 214 -14.38 -17.21 -30.90
CA TRP B 214 -15.02 -16.05 -30.27
C TRP B 214 -14.96 -14.83 -31.20
N ALA B 215 -13.77 -14.57 -31.78
CA ALA B 215 -13.54 -13.45 -32.68
C ALA B 215 -14.39 -13.50 -33.92
N VAL B 216 -14.47 -14.67 -34.61
CA VAL B 216 -15.30 -14.84 -35.82
C VAL B 216 -16.74 -14.46 -35.50
N ALA B 217 -17.28 -15.04 -34.42
CA ALA B 217 -18.62 -14.81 -33.92
C ALA B 217 -18.89 -13.34 -33.67
N ARG B 218 -18.02 -12.66 -32.90
CA ARG B 218 -18.18 -11.26 -32.55
C ARG B 218 -18.03 -10.32 -33.73
N LEU B 219 -16.98 -10.51 -34.55
CA LEU B 219 -16.73 -9.68 -35.72
C LEU B 219 -17.83 -9.83 -36.77
N SER B 220 -18.39 -11.06 -36.95
CA SER B 220 -19.47 -11.34 -37.92
C SER B 220 -20.77 -10.65 -37.55
N GLN B 221 -21.05 -10.49 -36.22
CA GLN B 221 -22.23 -9.78 -35.73
C GLN B 221 -22.03 -8.29 -36.01
N ARG B 222 -20.81 -7.80 -35.76
CA ARG B 222 -20.41 -6.42 -35.92
C ARG B 222 -20.30 -5.96 -37.38
N PHE B 223 -19.73 -6.80 -38.25
CA PHE B 223 -19.53 -6.49 -39.67
C PHE B 223 -20.29 -7.49 -40.56
N PRO B 224 -21.66 -7.46 -40.56
CA PRO B 224 -22.43 -8.44 -41.36
C PRO B 224 -22.24 -8.33 -42.85
N LYS B 225 -21.88 -7.14 -43.33
CA LYS B 225 -21.72 -6.91 -44.76
C LYS B 225 -20.40 -7.43 -45.29
N ALA B 226 -19.39 -7.56 -44.41
CA ALA B 226 -18.06 -8.03 -44.77
C ALA B 226 -18.08 -9.49 -45.19
N GLU B 227 -17.24 -9.84 -46.18
CA GLU B 227 -17.13 -11.22 -46.65
C GLU B 227 -16.38 -12.06 -45.62
N PHE B 228 -16.55 -13.38 -45.69
CA PHE B 228 -15.94 -14.31 -44.74
C PHE B 228 -14.42 -14.16 -44.69
N ALA B 229 -13.78 -14.10 -45.87
CA ALA B 229 -12.34 -13.95 -46.01
C ALA B 229 -11.85 -12.68 -45.30
N GLU B 230 -12.65 -11.60 -45.34
CA GLU B 230 -12.30 -10.34 -44.69
C GLU B 230 -12.37 -10.51 -43.19
N VAL B 231 -13.45 -11.13 -42.71
CA VAL B 231 -13.65 -11.40 -41.28
C VAL B 231 -12.50 -12.25 -40.78
N SER B 232 -12.19 -13.32 -41.53
CA SER B 232 -11.10 -14.23 -41.20
C SER B 232 -9.77 -13.48 -41.10
N LYS B 233 -9.49 -12.59 -42.07
CA LYS B 233 -8.29 -11.78 -42.07
C LYS B 233 -8.21 -10.91 -40.82
N LEU B 234 -9.33 -10.28 -40.46
CA LEU B 234 -9.42 -9.43 -39.28
C LEU B 234 -9.21 -10.22 -37.98
N VAL B 235 -9.75 -11.44 -37.90
CA VAL B 235 -9.58 -12.32 -36.75
C VAL B 235 -8.08 -12.66 -36.62
N THR B 236 -7.41 -12.93 -37.76
CA THR B 236 -5.98 -13.29 -37.80
C THR B 236 -5.14 -12.17 -37.22
N ASP B 237 -5.37 -10.95 -37.70
CA ASP B 237 -4.66 -9.76 -37.27
C ASP B 237 -4.90 -9.48 -35.79
N LEU B 238 -6.15 -9.60 -35.35
CA LEU B 238 -6.54 -9.36 -33.97
C LEU B 238 -5.90 -10.40 -33.07
N THR B 239 -5.82 -11.67 -33.52
CA THR B 239 -5.23 -12.75 -32.75
C THR B 239 -3.76 -12.42 -32.50
N LYS B 240 -3.07 -11.91 -33.53
CA LYS B 240 -1.66 -11.56 -33.44
C LYS B 240 -1.44 -10.50 -32.39
N VAL B 241 -2.22 -9.39 -32.44
CA VAL B 241 -2.18 -8.27 -31.48
C VAL B 241 -2.37 -8.81 -30.06
N HIS B 242 -3.47 -9.50 -29.84
CA HIS B 242 -3.82 -10.06 -28.57
C HIS B 242 -2.83 -11.04 -28.02
N THR B 243 -2.25 -11.89 -28.88
CA THR B 243 -1.24 -12.87 -28.47
C THR B 243 -0.01 -12.18 -27.95
N GLU B 244 0.47 -11.17 -28.67
CA GLU B 244 1.68 -10.44 -28.30
C GLU B 244 1.49 -9.67 -26.99
N CYS B 245 0.35 -8.99 -26.84
CA CYS B 245 0.04 -8.27 -25.62
C CYS B 245 -0.02 -9.20 -24.41
N CYS B 246 -0.87 -10.21 -24.51
CA CYS B 246 -1.05 -11.16 -23.45
C CYS B 246 0.23 -11.90 -23.33
N HIS B 247 0.87 -12.11 -24.47
CA HIS B 247 2.07 -12.89 -24.52
C HIS B 247 3.09 -12.17 -23.65
N GLY B 248 3.03 -10.85 -23.66
CA GLY B 248 4.07 -10.08 -23.00
C GLY B 248 4.88 -9.14 -23.85
N ASP B 249 4.70 -9.12 -25.17
CA ASP B 249 5.48 -8.17 -25.99
C ASP B 249 4.66 -6.97 -26.35
N LEU B 250 4.73 -5.93 -25.51
CA LEU B 250 3.91 -4.72 -25.63
C LEU B 250 4.06 -3.79 -26.84
N LEU B 251 5.29 -3.50 -27.28
CA LEU B 251 5.47 -2.60 -28.39
C LEU B 251 5.00 -3.21 -29.65
N GLU B 252 5.38 -4.45 -29.83
CA GLU B 252 4.98 -5.19 -31.01
C GLU B 252 3.46 -5.15 -31.12
N CYS B 253 2.76 -5.44 -30.01
CA CYS B 253 1.31 -5.43 -29.90
C CYS B 253 0.71 -4.05 -30.23
N ALA B 254 1.25 -3.00 -29.62
CA ALA B 254 0.77 -1.63 -29.83
C ALA B 254 0.88 -1.19 -31.28
N ASP B 255 2.01 -1.51 -31.91
CA ASP B 255 2.30 -1.19 -33.30
C ASP B 255 1.38 -1.97 -34.22
N ASP B 256 1.17 -3.25 -33.90
CA ASP B 256 0.30 -4.12 -34.66
C ASP B 256 -1.16 -3.68 -34.61
N ARG B 257 -1.61 -3.19 -33.43
CA ARG B 257 -2.96 -2.68 -33.25
C ARG B 257 -3.15 -1.43 -34.07
N ALA B 258 -2.13 -0.56 -34.11
CA ALA B 258 -2.15 0.66 -34.91
C ALA B 258 -2.24 0.32 -36.40
N ASP B 259 -1.51 -0.73 -36.82
CA ASP B 259 -1.48 -1.16 -38.21
C ASP B 259 -2.83 -1.71 -38.60
N LEU B 260 -3.47 -2.44 -37.65
CA LEU B 260 -4.77 -3.06 -37.78
C LEU B 260 -5.86 -2.03 -37.99
N ALA B 261 -5.89 -1.01 -37.13
CA ALA B 261 -6.83 0.12 -37.21
C ALA B 261 -6.68 0.79 -38.58
N LYS B 262 -5.43 1.03 -38.99
CA LYS B 262 -5.13 1.64 -40.26
C LYS B 262 -5.72 0.79 -41.42
N TYR B 263 -5.57 -0.55 -41.37
CA TYR B 263 -6.12 -1.45 -42.39
C TYR B 263 -7.64 -1.29 -42.45
N ILE B 264 -8.30 -1.35 -41.28
CA ILE B 264 -9.75 -1.22 -41.13
C ILE B 264 -10.26 0.08 -41.76
N CYS B 265 -9.54 1.18 -41.51
CA CYS B 265 -9.91 2.50 -42.01
C CYS B 265 -9.71 2.66 -43.48
N GLU B 266 -8.75 1.92 -44.06
CA GLU B 266 -8.46 2.00 -45.49
C GLU B 266 -9.34 1.05 -46.26
N ASN B 267 -10.12 0.22 -45.57
CA ASN B 267 -10.97 -0.79 -46.19
C ASN B 267 -12.38 -0.77 -45.62
N GLN B 268 -12.88 0.41 -45.23
CA GLN B 268 -14.20 0.57 -44.66
C GLN B 268 -15.31 0.01 -45.54
N ASP B 269 -15.24 0.25 -46.85
CA ASP B 269 -16.24 -0.21 -47.81
C ASP B 269 -16.35 -1.73 -47.87
N SER B 270 -15.32 -2.43 -47.45
CA SER B 270 -15.30 -3.89 -47.41
C SER B 270 -15.52 -4.44 -45.99
N ILE B 271 -15.72 -3.55 -45.01
CA ILE B 271 -15.89 -3.94 -43.61
C ILE B 271 -17.22 -3.49 -42.98
N SER B 272 -17.45 -2.17 -42.89
CA SER B 272 -18.67 -1.63 -42.28
C SER B 272 -18.90 -0.20 -42.71
N SER B 273 -20.18 0.21 -42.74
CA SER B 273 -20.57 1.57 -43.09
C SER B 273 -20.56 2.49 -41.87
N LYS B 274 -20.31 1.95 -40.65
CA LYS B 274 -20.31 2.69 -39.38
C LYS B 274 -18.93 3.11 -38.88
N LEU B 275 -17.89 3.10 -39.75
CA LEU B 275 -16.51 3.41 -39.33
C LEU B 275 -15.97 4.82 -39.62
N LYS B 276 -16.71 5.63 -40.39
CA LYS B 276 -16.24 6.95 -40.79
C LYS B 276 -15.76 7.85 -39.68
N GLU B 277 -16.59 8.10 -38.66
CA GLU B 277 -16.18 8.96 -37.55
C GLU B 277 -14.91 8.48 -36.87
N CYS B 278 -14.79 7.16 -36.61
CA CYS B 278 -13.63 6.59 -35.93
C CYS B 278 -12.37 6.84 -36.70
N CYS B 279 -12.47 6.73 -38.01
CA CYS B 279 -11.32 6.83 -38.86
C CYS B 279 -10.80 8.25 -39.04
N GLU B 280 -11.54 9.22 -38.45
CA GLU B 280 -11.21 10.65 -38.43
C GLU B 280 -10.48 10.98 -37.11
N LYS B 281 -10.66 10.12 -36.11
CA LYS B 281 -10.09 10.28 -34.78
C LYS B 281 -8.56 10.06 -34.69
N PRO B 282 -7.95 10.55 -33.64
CA PRO B 282 -6.52 10.46 -33.47
C PRO B 282 -6.24 9.04 -33.28
N LEU B 283 -4.96 8.67 -33.29
CA LEU B 283 -4.56 7.27 -33.38
C LEU B 283 -5.09 6.40 -32.26
N LEU B 284 -5.09 6.91 -31.04
CA LEU B 284 -5.59 6.13 -29.91
C LEU B 284 -7.11 6.03 -29.84
N GLU B 285 -7.77 7.15 -30.07
CA GLU B 285 -9.23 7.31 -30.09
C GLU B 285 -9.84 6.45 -31.21
N LYS B 286 -9.17 6.46 -32.38
CA LYS B 286 -9.52 5.72 -33.58
C LYS B 286 -9.66 4.23 -33.25
N SER B 287 -8.58 3.60 -32.74
CA SER B 287 -8.51 2.18 -32.35
C SER B 287 -9.56 1.81 -31.30
N HIS B 288 -9.78 2.72 -30.32
CA HIS B 288 -10.78 2.50 -29.27
C HIS B 288 -12.17 2.56 -29.86
N CYS B 289 -12.41 3.54 -30.74
CA CYS B 289 -13.71 3.74 -31.37
C CYS B 289 -14.09 2.54 -32.19
N ILE B 290 -13.17 2.06 -33.08
CA ILE B 290 -13.36 0.89 -33.95
C ILE B 290 -13.67 -0.35 -33.10
N ALA B 291 -13.00 -0.49 -31.96
CA ALA B 291 -13.21 -1.63 -31.06
C ALA B 291 -14.60 -1.62 -30.40
N GLU B 292 -15.17 -0.42 -30.16
CA GLU B 292 -16.48 -0.24 -29.51
C GLU B 292 -17.60 0.11 -30.49
N VAL B 293 -17.28 0.15 -31.80
CA VAL B 293 -18.25 0.47 -32.86
C VAL B 293 -19.49 -0.43 -32.78
N GLU B 294 -20.67 0.16 -32.99
CA GLU B 294 -21.91 -0.58 -32.98
C GLU B 294 -22.01 -1.41 -34.25
N ASN B 295 -22.81 -2.48 -34.19
CA ASN B 295 -23.02 -3.40 -35.30
C ASN B 295 -23.58 -2.67 -36.50
N ASP B 296 -23.04 -2.99 -37.67
CA ASP B 296 -23.49 -2.45 -38.95
C ASP B 296 -24.80 -3.16 -39.30
N GLU B 297 -25.65 -2.49 -40.10
CA GLU B 297 -26.91 -3.02 -40.60
C GLU B 297 -26.60 -4.25 -41.45
N MET B 298 -27.31 -5.37 -41.23
CA MET B 298 -27.05 -6.59 -42.00
C MET B 298 -27.57 -6.51 -43.43
N PRO B 299 -26.95 -7.23 -44.40
CA PRO B 299 -27.43 -7.18 -45.79
C PRO B 299 -28.91 -7.49 -45.94
N ALA B 300 -29.55 -6.80 -46.90
CA ALA B 300 -30.98 -6.83 -47.25
C ALA B 300 -31.70 -8.20 -47.28
N ASP B 301 -31.49 -9.01 -48.33
CA ASP B 301 -32.16 -10.29 -48.44
C ASP B 301 -31.16 -11.42 -48.29
N LEU B 302 -30.91 -11.82 -47.03
CA LEU B 302 -29.99 -12.92 -46.77
C LEU B 302 -30.71 -14.24 -46.84
N PRO B 303 -30.17 -15.22 -47.59
CA PRO B 303 -30.85 -16.52 -47.67
C PRO B 303 -30.71 -17.33 -46.38
N SER B 304 -31.49 -18.41 -46.27
CA SER B 304 -31.44 -19.33 -45.13
C SER B 304 -30.14 -20.14 -45.23
N LEU B 305 -29.63 -20.58 -44.08
CA LEU B 305 -28.40 -21.38 -44.02
C LEU B 305 -28.61 -22.79 -44.54
N ALA B 306 -29.90 -23.21 -44.64
CA ALA B 306 -30.32 -24.55 -45.07
C ALA B 306 -29.64 -25.01 -46.35
N ALA B 307 -29.61 -24.16 -47.38
CA ALA B 307 -29.03 -24.49 -48.68
C ALA B 307 -27.58 -24.97 -48.63
N ASP B 308 -26.74 -24.24 -47.89
CA ASP B 308 -25.31 -24.51 -47.81
C ASP B 308 -24.86 -25.39 -46.66
N PHE B 309 -25.64 -25.43 -45.58
CA PHE B 309 -25.27 -26.20 -44.40
C PHE B 309 -26.12 -27.45 -44.13
N VAL B 310 -27.16 -27.69 -44.96
CA VAL B 310 -28.05 -28.84 -44.80
C VAL B 310 -28.35 -29.53 -46.16
N GLU B 311 -28.69 -28.73 -47.20
CA GLU B 311 -29.03 -29.20 -48.54
C GLU B 311 -27.86 -29.65 -49.40
N SER B 312 -26.79 -28.84 -49.46
CA SER B 312 -25.59 -29.11 -50.24
C SER B 312 -25.03 -30.54 -50.08
N LYS B 313 -24.51 -31.07 -51.20
CA LYS B 313 -23.90 -32.39 -51.33
C LYS B 313 -22.56 -32.41 -50.63
N ASP B 314 -21.95 -31.24 -50.53
CA ASP B 314 -20.65 -30.94 -49.99
C ASP B 314 -20.60 -30.59 -48.51
N VAL B 315 -21.73 -30.65 -47.79
CA VAL B 315 -21.73 -30.37 -46.34
C VAL B 315 -20.59 -31.22 -45.69
N CYS B 316 -20.54 -32.53 -46.02
CA CYS B 316 -19.53 -33.43 -45.51
C CYS B 316 -18.18 -33.30 -46.19
N LYS B 317 -18.17 -33.14 -47.53
CA LYS B 317 -16.94 -32.95 -48.31
C LYS B 317 -16.22 -31.68 -47.83
N ASN B 318 -16.95 -30.56 -47.71
CA ASN B 318 -16.39 -29.29 -47.26
C ASN B 318 -15.96 -29.36 -45.82
N TYR B 319 -16.70 -30.10 -44.98
CA TYR B 319 -16.36 -30.27 -43.57
C TYR B 319 -15.06 -31.01 -43.42
N ALA B 320 -14.97 -32.21 -44.01
CA ALA B 320 -13.81 -33.10 -43.98
C ALA B 320 -12.50 -32.45 -44.44
N GLU B 321 -12.56 -31.72 -45.58
CA GLU B 321 -11.43 -31.05 -46.21
C GLU B 321 -10.73 -30.03 -45.31
N ALA B 322 -11.54 -29.23 -44.58
CA ALA B 322 -11.06 -28.19 -43.67
C ALA B 322 -12.18 -27.86 -42.71
N LYS B 323 -12.26 -28.66 -41.63
CA LYS B 323 -13.26 -28.55 -40.57
C LYS B 323 -13.37 -27.14 -39.99
N ASP B 324 -12.24 -26.54 -39.57
CA ASP B 324 -12.20 -25.19 -39.00
C ASP B 324 -12.72 -24.12 -39.93
N VAL B 325 -12.39 -24.22 -41.23
CA VAL B 325 -12.87 -23.32 -42.27
C VAL B 325 -14.39 -23.43 -42.40
N PHE B 326 -14.89 -24.66 -42.52
CA PHE B 326 -16.32 -24.92 -42.68
C PHE B 326 -17.10 -24.42 -41.47
N LEU B 327 -16.63 -24.78 -40.27
CA LEU B 327 -17.27 -24.36 -39.04
C LEU B 327 -17.21 -22.85 -38.90
N GLY B 328 -16.08 -22.26 -39.33
CA GLY B 328 -15.88 -20.82 -39.31
C GLY B 328 -16.91 -20.13 -40.16
N MET B 329 -17.20 -20.71 -41.35
CA MET B 329 -18.20 -20.21 -42.30
C MET B 329 -19.59 -20.31 -41.71
N PHE B 330 -19.89 -21.43 -41.02
CA PHE B 330 -21.17 -21.63 -40.36
C PHE B 330 -21.37 -20.55 -39.33
N LEU B 331 -20.37 -20.36 -38.46
CA LEU B 331 -20.36 -19.37 -37.38
C LEU B 331 -20.52 -17.95 -37.93
N TYR B 332 -19.80 -17.63 -39.03
CA TYR B 332 -19.89 -16.33 -39.67
C TYR B 332 -21.31 -16.06 -40.22
N GLU B 333 -21.89 -17.05 -40.93
CA GLU B 333 -23.23 -16.94 -41.54
C GLU B 333 -24.31 -16.81 -40.51
N TYR B 334 -24.22 -17.62 -39.44
CA TYR B 334 -25.20 -17.61 -38.38
C TYR B 334 -25.12 -16.33 -37.56
N ALA B 335 -23.88 -15.88 -37.21
CA ALA B 335 -23.63 -14.70 -36.39
C ALA B 335 -24.04 -13.41 -37.08
N ARG B 336 -23.69 -13.23 -38.37
CA ARG B 336 -24.04 -12.03 -39.12
C ARG B 336 -25.55 -11.80 -39.14
N ARG B 337 -26.34 -12.90 -39.09
CA ARG B 337 -27.80 -12.92 -39.10
C ARG B 337 -28.38 -12.80 -37.71
N HIS B 338 -27.58 -13.08 -36.66
CA HIS B 338 -28.05 -13.04 -35.29
C HIS B 338 -27.27 -12.13 -34.36
N PRO B 339 -27.44 -10.80 -34.46
CA PRO B 339 -26.79 -9.92 -33.46
C PRO B 339 -27.55 -9.99 -32.14
N ASP B 340 -28.72 -10.68 -32.18
CA ASP B 340 -29.67 -10.95 -31.10
C ASP B 340 -29.07 -11.87 -30.06
N TYR B 341 -28.14 -12.75 -30.48
CA TYR B 341 -27.52 -13.80 -29.68
C TYR B 341 -26.23 -13.41 -28.99
N SER B 342 -25.94 -14.07 -27.87
CA SER B 342 -24.68 -13.88 -27.18
C SER B 342 -23.65 -14.64 -28.01
N VAL B 343 -22.38 -14.27 -27.90
CA VAL B 343 -21.32 -14.95 -28.62
C VAL B 343 -21.30 -16.44 -28.17
N VAL B 344 -21.37 -16.68 -26.85
CA VAL B 344 -21.38 -18.04 -26.29
C VAL B 344 -22.50 -18.94 -26.84
N LEU B 345 -23.69 -18.36 -27.06
CA LEU B 345 -24.81 -19.11 -27.63
C LEU B 345 -24.41 -19.56 -29.03
N LEU B 346 -23.87 -18.64 -29.82
CA LEU B 346 -23.42 -18.92 -31.19
C LEU B 346 -22.35 -20.01 -31.20
N LEU B 347 -21.44 -19.99 -30.20
CA LEU B 347 -20.41 -21.00 -30.06
C LEU B 347 -21.02 -22.36 -29.70
N ARG B 348 -22.09 -22.39 -28.89
CA ARG B 348 -22.79 -23.64 -28.53
C ARG B 348 -23.50 -24.19 -29.76
N LEU B 349 -24.03 -23.30 -30.62
CA LEU B 349 -24.70 -23.74 -31.83
C LEU B 349 -23.71 -24.35 -32.81
N ALA B 350 -22.51 -23.74 -32.94
CA ALA B 350 -21.45 -24.24 -33.80
C ALA B 350 -20.94 -25.58 -33.28
N LYS B 351 -20.80 -25.72 -31.95
CA LYS B 351 -20.35 -26.97 -31.33
C LYS B 351 -21.35 -28.09 -31.60
N THR B 352 -22.64 -27.75 -31.51
CA THR B 352 -23.74 -28.69 -31.79
C THR B 352 -23.64 -29.12 -33.24
N TYR B 353 -23.47 -28.17 -34.15
CA TYR B 353 -23.36 -28.45 -35.57
C TYR B 353 -22.15 -29.34 -35.85
N GLU B 354 -21.00 -29.03 -35.22
CA GLU B 354 -19.76 -29.79 -35.34
C GLU B 354 -19.98 -31.26 -34.93
N THR B 355 -20.57 -31.48 -33.74
CA THR B 355 -20.83 -32.83 -33.21
C THR B 355 -21.73 -33.65 -34.14
N THR B 356 -22.77 -33.02 -34.68
CA THR B 356 -23.70 -33.66 -35.62
C THR B 356 -22.97 -34.07 -36.91
N LEU B 357 -22.17 -33.16 -37.47
CA LEU B 357 -21.44 -33.46 -38.69
C LEU B 357 -20.44 -34.57 -38.47
N GLU B 358 -19.71 -34.53 -37.34
CA GLU B 358 -18.71 -35.54 -37.00
C GLU B 358 -19.36 -36.93 -36.94
N LYS B 359 -20.59 -36.99 -36.44
CA LYS B 359 -21.37 -38.20 -36.32
C LYS B 359 -21.95 -38.63 -37.69
N CYS B 360 -22.71 -37.73 -38.31
CA CYS B 360 -23.42 -37.95 -39.57
C CYS B 360 -22.58 -38.25 -40.79
N CYS B 361 -21.49 -37.52 -40.96
CA CYS B 361 -20.63 -37.69 -42.12
C CYS B 361 -20.00 -39.05 -42.25
N ALA B 362 -20.01 -39.81 -41.15
CA ALA B 362 -19.51 -41.18 -41.08
C ALA B 362 -20.55 -42.17 -41.63
N ALA B 363 -21.83 -41.75 -41.70
CA ALA B 363 -22.94 -42.58 -42.16
C ALA B 363 -22.98 -42.75 -43.68
N ALA B 364 -23.60 -43.87 -44.16
CA ALA B 364 -23.76 -44.20 -45.59
C ALA B 364 -24.53 -43.09 -46.32
N ASP B 365 -25.54 -42.52 -45.64
CA ASP B 365 -26.32 -41.38 -46.13
C ASP B 365 -26.30 -40.23 -45.11
N PRO B 366 -25.22 -39.41 -45.12
CA PRO B 366 -25.10 -38.29 -44.17
C PRO B 366 -26.30 -37.35 -44.11
N HIS B 367 -26.81 -36.93 -45.28
CA HIS B 367 -27.95 -36.01 -45.37
C HIS B 367 -29.17 -36.42 -44.56
N GLU B 368 -29.54 -37.70 -44.62
CA GLU B 368 -30.68 -38.19 -43.87
C GLU B 368 -30.43 -38.01 -42.37
N CYS B 369 -29.17 -38.19 -41.96
CA CYS B 369 -28.72 -38.09 -40.58
C CYS B 369 -28.76 -36.65 -40.01
N TYR B 370 -28.25 -35.65 -40.75
CA TYR B 370 -28.18 -34.26 -40.29
C TYR B 370 -29.27 -33.34 -40.83
N ALA B 371 -30.20 -33.89 -41.62
CA ALA B 371 -31.30 -33.15 -42.26
C ALA B 371 -32.06 -32.14 -41.37
N LYS B 372 -32.26 -32.44 -40.06
CA LYS B 372 -32.99 -31.49 -39.19
C LYS B 372 -32.19 -30.95 -38.02
N VAL B 373 -30.86 -30.75 -38.24
CA VAL B 373 -29.95 -30.23 -37.22
C VAL B 373 -30.43 -28.94 -36.55
N PHE B 374 -30.96 -28.02 -37.35
CA PHE B 374 -31.44 -26.72 -36.88
C PHE B 374 -32.52 -26.80 -35.79
N ASP B 375 -33.18 -27.96 -35.70
CA ASP B 375 -34.20 -28.21 -34.71
C ASP B 375 -33.55 -28.38 -33.33
N GLU B 376 -32.33 -28.94 -33.32
CA GLU B 376 -31.55 -29.16 -32.09
C GLU B 376 -31.11 -27.84 -31.46
N PHE B 377 -31.13 -26.76 -32.26
CA PHE B 377 -30.74 -25.41 -31.84
C PHE B 377 -31.77 -24.73 -30.94
N LYS B 378 -33.06 -24.89 -31.27
CA LYS B 378 -34.21 -24.30 -30.55
C LYS B 378 -34.11 -24.40 -29.01
N PRO B 379 -33.90 -25.61 -28.42
CA PRO B 379 -33.80 -25.70 -26.95
C PRO B 379 -32.62 -24.93 -26.36
N LEU B 380 -31.51 -24.90 -27.11
CA LEU B 380 -30.28 -24.21 -26.73
C LEU B 380 -30.46 -22.71 -26.70
N VAL B 381 -31.18 -22.18 -27.70
CA VAL B 381 -31.47 -20.74 -27.82
C VAL B 381 -32.40 -20.30 -26.69
N GLU B 382 -33.46 -21.08 -26.45
CA GLU B 382 -34.48 -20.78 -25.45
C GLU B 382 -34.03 -20.71 -24.00
N GLU B 383 -33.09 -21.59 -23.59
CA GLU B 383 -32.54 -21.63 -22.24
C GLU B 383 -32.01 -20.23 -21.78
N PRO B 384 -31.08 -19.57 -22.52
CA PRO B 384 -30.59 -18.26 -22.09
C PRO B 384 -31.69 -17.21 -22.18
N GLN B 385 -32.51 -17.27 -23.25
CA GLN B 385 -33.64 -16.36 -23.47
C GLN B 385 -34.57 -16.34 -22.26
N ASN B 386 -35.02 -17.52 -21.81
CA ASN B 386 -35.93 -17.63 -20.67
C ASN B 386 -35.24 -17.20 -19.39
N LEU B 387 -33.96 -17.57 -19.21
CA LEU B 387 -33.19 -17.20 -18.03
C LEU B 387 -33.08 -15.69 -17.90
N ILE B 388 -32.90 -14.97 -19.03
CA ILE B 388 -32.83 -13.52 -19.05
C ILE B 388 -34.20 -12.94 -18.70
N LYS B 389 -35.22 -13.15 -19.57
CA LYS B 389 -36.59 -12.63 -19.37
C LYS B 389 -37.14 -12.88 -17.96
N GLN B 390 -36.91 -14.09 -17.40
CA GLN B 390 -37.33 -14.47 -16.05
C GLN B 390 -36.58 -13.65 -14.97
N ASN B 391 -35.24 -13.60 -15.03
CA ASN B 391 -34.42 -12.83 -14.09
C ASN B 391 -34.63 -11.34 -14.28
N CYS B 392 -34.79 -10.89 -15.54
CA CYS B 392 -35.01 -9.48 -15.89
C CYS B 392 -36.31 -8.98 -15.30
N GLU B 393 -37.41 -9.73 -15.55
CA GLU B 393 -38.74 -9.45 -15.04
C GLU B 393 -38.69 -9.40 -13.49
N LEU B 394 -38.01 -10.39 -12.86
CA LEU B 394 -37.84 -10.47 -11.40
C LEU B 394 -36.98 -9.33 -10.90
N PHE B 395 -35.85 -9.03 -11.58
CA PHE B 395 -34.98 -7.93 -11.17
C PHE B 395 -35.75 -6.62 -11.18
N GLU B 396 -36.39 -6.34 -12.33
CA GLU B 396 -37.20 -5.15 -12.61
C GLU B 396 -38.09 -4.84 -11.41
N GLN B 397 -38.82 -5.88 -10.93
CA GLN B 397 -39.73 -5.80 -9.80
C GLN B 397 -39.04 -5.49 -8.47
N LEU B 398 -38.00 -6.27 -8.13
CA LEU B 398 -37.25 -6.18 -6.87
C LEU B 398 -36.41 -4.93 -6.67
N GLY B 399 -35.77 -4.47 -7.74
CA GLY B 399 -34.83 -3.38 -7.72
C GLY B 399 -33.45 -3.94 -7.44
N GLU B 400 -32.40 -3.15 -7.72
CA GLU B 400 -30.99 -3.51 -7.56
C GLU B 400 -30.67 -4.13 -6.24
N TYR B 401 -30.87 -3.40 -5.12
CA TYR B 401 -30.52 -3.89 -3.80
C TYR B 401 -31.14 -5.22 -3.44
N LYS B 402 -32.47 -5.30 -3.50
CA LYS B 402 -33.21 -6.52 -3.18
C LYS B 402 -32.85 -7.67 -4.14
N PHE B 403 -32.67 -7.38 -5.45
CA PHE B 403 -32.28 -8.42 -6.39
C PHE B 403 -30.85 -8.88 -6.17
N GLN B 404 -29.92 -7.97 -5.75
CA GLN B 404 -28.55 -8.37 -5.41
C GLN B 404 -28.62 -9.39 -4.29
N ASN B 405 -29.44 -9.10 -3.26
CA ASN B 405 -29.62 -9.96 -2.09
C ASN B 405 -30.21 -11.31 -2.46
N ALA B 406 -31.15 -11.33 -3.42
CA ALA B 406 -31.75 -12.58 -3.87
C ALA B 406 -30.68 -13.43 -4.55
N LEU B 407 -29.82 -12.80 -5.37
CA LEU B 407 -28.72 -13.48 -6.07
C LEU B 407 -27.66 -13.93 -5.07
N LEU B 408 -27.39 -13.08 -4.08
CA LEU B 408 -26.43 -13.30 -2.99
C LEU B 408 -26.75 -14.61 -2.30
N VAL B 409 -28.01 -14.77 -1.84
CA VAL B 409 -28.49 -15.97 -1.16
C VAL B 409 -28.44 -17.16 -2.10
N ARG B 410 -28.93 -17.01 -3.35
CA ARG B 410 -28.95 -18.07 -4.35
C ARG B 410 -27.60 -18.66 -4.64
N TYR B 411 -26.59 -17.83 -4.87
CA TYR B 411 -25.23 -18.32 -5.14
C TYR B 411 -24.52 -18.87 -3.91
N THR B 412 -24.69 -18.20 -2.76
CA THR B 412 -24.09 -18.65 -1.50
C THR B 412 -24.67 -20.02 -1.13
N LYS B 413 -25.99 -20.22 -1.33
CA LYS B 413 -26.67 -21.49 -1.09
C LYS B 413 -26.11 -22.60 -1.97
N LYS B 414 -25.75 -22.26 -3.23
CA LYS B 414 -25.19 -23.23 -4.16
C LYS B 414 -23.77 -23.60 -3.73
N VAL B 415 -22.91 -22.59 -3.48
CA VAL B 415 -21.51 -22.79 -3.07
C VAL B 415 -21.12 -21.88 -1.87
N PRO B 416 -21.31 -22.29 -0.60
CA PRO B 416 -20.87 -21.42 0.53
C PRO B 416 -19.42 -21.69 0.92
N GLN B 417 -18.74 -22.56 0.14
CA GLN B 417 -17.37 -23.07 0.30
C GLN B 417 -16.25 -22.06 0.55
N VAL B 418 -16.29 -20.93 -0.18
CA VAL B 418 -15.26 -19.89 -0.14
C VAL B 418 -15.71 -18.50 0.36
N SER B 419 -14.72 -17.72 0.82
CA SER B 419 -14.87 -16.41 1.45
C SER B 419 -16.19 -15.71 1.17
N THR B 420 -16.74 -15.09 2.22
CA THR B 420 -17.99 -14.34 2.22
C THR B 420 -17.92 -13.00 1.43
N PRO B 421 -16.82 -12.19 1.44
CA PRO B 421 -16.87 -10.91 0.69
C PRO B 421 -16.86 -11.03 -0.83
N THR B 422 -16.32 -12.16 -1.34
CA THR B 422 -16.20 -12.48 -2.76
C THR B 422 -17.57 -12.45 -3.44
N LEU B 423 -18.54 -13.17 -2.85
CA LEU B 423 -19.93 -13.24 -3.32
C LEU B 423 -20.63 -11.90 -3.14
N VAL B 424 -20.32 -11.15 -2.05
CA VAL B 424 -20.86 -9.81 -1.77
C VAL B 424 -20.43 -8.87 -2.92
N GLU B 425 -19.15 -8.97 -3.35
CA GLU B 425 -18.58 -8.20 -4.46
C GLU B 425 -19.15 -8.68 -5.80
N VAL B 426 -19.29 -10.00 -5.97
CA VAL B 426 -19.82 -10.63 -7.19
C VAL B 426 -21.31 -10.35 -7.42
N SER B 427 -22.16 -10.62 -6.40
CA SER B 427 -23.61 -10.41 -6.45
C SER B 427 -23.99 -8.97 -6.69
N ARG B 428 -23.20 -8.02 -6.12
CA ARG B 428 -23.37 -6.57 -6.32
C ARG B 428 -23.27 -6.28 -7.82
N ASN B 429 -22.19 -6.79 -8.46
CA ASN B 429 -21.92 -6.67 -9.89
C ASN B 429 -23.03 -7.32 -10.69
N LEU B 430 -23.50 -8.51 -10.24
CA LEU B 430 -24.61 -9.21 -10.90
C LEU B 430 -25.90 -8.40 -10.85
N GLY B 431 -26.10 -7.68 -9.74
CA GLY B 431 -27.24 -6.79 -9.58
C GLY B 431 -27.18 -5.67 -10.61
N LYS B 432 -25.97 -5.17 -10.88
CA LYS B 432 -25.65 -4.13 -11.87
C LYS B 432 -25.93 -4.64 -13.29
N VAL B 433 -25.59 -5.92 -13.61
CA VAL B 433 -25.85 -6.55 -14.92
C VAL B 433 -27.30 -6.31 -15.25
N GLY B 434 -28.18 -6.63 -14.30
CA GLY B 434 -29.62 -6.45 -14.44
C GLY B 434 -29.98 -5.02 -14.72
N SER B 435 -29.44 -4.09 -13.90
CA SER B 435 -29.70 -2.67 -14.07
C SER B 435 -29.28 -2.16 -15.44
N LYS B 436 -28.12 -2.63 -15.90
CA LYS B 436 -27.52 -2.26 -17.18
C LYS B 436 -28.30 -2.88 -18.35
N CYS B 437 -28.39 -4.20 -18.36
CA CYS B 437 -28.97 -4.98 -19.44
C CYS B 437 -30.46 -5.05 -19.53
N CYS B 438 -31.17 -5.13 -18.40
CA CYS B 438 -32.64 -5.24 -18.40
C CYS B 438 -33.33 -3.98 -18.90
N LYS B 439 -32.59 -2.87 -18.94
CA LYS B 439 -33.05 -1.58 -19.44
C LYS B 439 -33.16 -1.65 -20.96
N HIS B 440 -32.27 -2.44 -21.61
CA HIS B 440 -32.19 -2.64 -23.06
C HIS B 440 -33.38 -3.42 -23.66
N PRO B 441 -33.73 -3.18 -24.97
CA PRO B 441 -34.79 -3.99 -25.58
C PRO B 441 -34.34 -5.45 -25.72
N GLU B 442 -35.27 -6.40 -25.45
CA GLU B 442 -35.11 -7.86 -25.42
C GLU B 442 -34.08 -8.50 -26.37
N ALA B 443 -34.07 -8.08 -27.65
CA ALA B 443 -33.12 -8.52 -28.67
C ALA B 443 -31.66 -8.15 -28.34
N LYS B 444 -31.43 -7.05 -27.61
CA LYS B 444 -30.10 -6.54 -27.26
C LYS B 444 -29.64 -6.95 -25.86
N ARG B 445 -30.56 -7.58 -25.09
CA ARG B 445 -30.37 -8.07 -23.73
C ARG B 445 -29.39 -9.21 -23.65
N MET B 446 -29.59 -10.29 -24.44
CA MET B 446 -28.73 -11.46 -24.47
C MET B 446 -27.26 -11.12 -24.74
N PRO B 447 -26.89 -10.36 -25.81
CA PRO B 447 -25.48 -10.04 -26.01
C PRO B 447 -24.82 -9.38 -24.80
N CYS B 448 -25.40 -8.28 -24.25
CA CYS B 448 -24.76 -7.62 -23.10
C CYS B 448 -24.73 -8.40 -21.81
N ALA B 449 -25.79 -9.17 -21.53
CA ALA B 449 -25.90 -9.94 -20.29
C ALA B 449 -24.91 -11.08 -20.21
N GLU B 450 -25.04 -12.05 -21.14
CA GLU B 450 -24.20 -13.23 -21.15
C GLU B 450 -22.72 -12.92 -21.35
N ASP B 451 -22.42 -11.93 -22.19
CA ASP B 451 -21.02 -11.56 -22.40
C ASP B 451 -20.39 -10.92 -21.17
N TYR B 452 -21.13 -10.07 -20.44
CA TYR B 452 -20.64 -9.45 -19.20
C TYR B 452 -20.57 -10.49 -18.07
N LEU B 453 -21.57 -11.39 -17.98
CA LEU B 453 -21.59 -12.44 -16.96
C LEU B 453 -20.38 -13.37 -17.11
N SER B 454 -19.98 -13.67 -18.36
CA SER B 454 -18.82 -14.50 -18.67
C SER B 454 -17.53 -13.88 -18.15
N VAL B 455 -17.51 -12.55 -18.04
CA VAL B 455 -16.40 -11.77 -17.49
C VAL B 455 -16.39 -11.91 -15.98
N VAL B 456 -17.54 -11.62 -15.33
CA VAL B 456 -17.71 -11.71 -13.88
C VAL B 456 -17.37 -13.11 -13.37
N LEU B 457 -17.85 -14.15 -14.08
CA LEU B 457 -17.56 -15.54 -13.72
C LEU B 457 -16.09 -15.87 -13.89
N ASN B 458 -15.43 -15.35 -14.95
CA ASN B 458 -14.00 -15.59 -15.15
C ASN B 458 -13.18 -14.97 -14.01
N GLN B 459 -13.59 -13.78 -13.55
CA GLN B 459 -12.95 -13.07 -12.44
C GLN B 459 -13.10 -13.91 -11.17
N LEU B 460 -14.29 -14.51 -10.97
CA LEU B 460 -14.56 -15.38 -9.83
C LEU B 460 -13.64 -16.61 -9.91
N CYS B 461 -13.49 -17.19 -11.11
CA CYS B 461 -12.62 -18.34 -11.36
C CYS B 461 -11.21 -18.01 -10.98
N VAL B 462 -10.72 -16.82 -11.40
CA VAL B 462 -9.36 -16.33 -11.13
C VAL B 462 -9.13 -16.24 -9.62
N LEU B 463 -10.09 -15.66 -8.90
CA LEU B 463 -10.09 -15.50 -7.45
C LEU B 463 -10.12 -16.85 -6.73
N HIS B 464 -10.82 -17.84 -7.30
CA HIS B 464 -10.83 -19.18 -6.72
C HIS B 464 -9.46 -19.83 -7.01
N GLU B 465 -8.95 -19.64 -8.26
CA GLU B 465 -7.69 -20.20 -8.75
C GLU B 465 -6.48 -19.91 -7.87
N LYS B 466 -6.35 -18.66 -7.36
CA LYS B 466 -5.25 -18.24 -6.50
C LYS B 466 -5.24 -19.01 -5.18
N THR B 467 -6.43 -19.28 -4.63
CA THR B 467 -6.63 -20.01 -3.37
C THR B 467 -7.74 -21.08 -3.55
N PRO B 468 -7.44 -22.23 -4.22
CA PRO B 468 -8.49 -23.23 -4.45
C PRO B 468 -8.95 -24.01 -3.23
N VAL B 469 -10.00 -23.48 -2.56
CA VAL B 469 -10.66 -24.02 -1.36
C VAL B 469 -11.90 -24.85 -1.79
N SER B 470 -12.52 -24.46 -2.92
CA SER B 470 -13.71 -25.11 -3.49
C SER B 470 -13.38 -25.99 -4.71
N ASP B 471 -14.26 -26.95 -5.04
CA ASP B 471 -14.07 -27.94 -6.11
C ASP B 471 -15.03 -27.77 -7.28
N ARG B 472 -16.31 -27.50 -6.97
CA ARG B 472 -17.41 -27.32 -7.92
C ARG B 472 -17.09 -26.20 -8.87
N VAL B 473 -16.54 -25.10 -8.33
CA VAL B 473 -16.17 -23.90 -9.07
C VAL B 473 -15.04 -24.22 -10.03
N THR B 474 -13.96 -24.86 -9.58
CA THR B 474 -12.84 -25.14 -10.47
C THR B 474 -13.25 -26.03 -11.65
N LYS B 475 -14.07 -27.03 -11.36
CA LYS B 475 -14.63 -27.91 -12.35
C LYS B 475 -15.33 -27.13 -13.43
N CYS B 476 -16.32 -26.29 -13.06
CA CYS B 476 -17.07 -25.45 -14.00
C CYS B 476 -16.16 -24.44 -14.71
N CYS B 477 -15.18 -23.88 -13.99
CA CYS B 477 -14.25 -22.89 -14.52
C CYS B 477 -13.37 -23.43 -15.62
N THR B 478 -12.75 -24.59 -15.38
CA THR B 478 -11.83 -25.21 -16.34
C THR B 478 -12.44 -26.23 -17.33
N GLU B 479 -13.68 -26.64 -17.08
CA GLU B 479 -14.40 -27.60 -17.92
C GLU B 479 -14.45 -27.09 -19.38
N SER B 480 -15.41 -26.20 -19.70
CA SER B 480 -15.58 -25.58 -21.02
C SER B 480 -15.89 -24.12 -20.80
N LEU B 481 -15.19 -23.26 -21.54
CA LEU B 481 -15.34 -21.81 -21.47
C LEU B 481 -16.75 -21.35 -21.88
N VAL B 482 -17.31 -22.00 -22.91
CA VAL B 482 -18.64 -21.71 -23.47
C VAL B 482 -19.74 -22.22 -22.55
N ASN B 483 -19.43 -23.30 -21.83
CA ASN B 483 -20.36 -23.95 -20.91
C ASN B 483 -20.15 -23.54 -19.46
N ARG B 484 -19.32 -22.50 -19.21
CA ARG B 484 -19.04 -22.00 -17.87
C ARG B 484 -20.32 -21.59 -17.16
N ARG B 485 -21.09 -20.64 -17.74
CA ARG B 485 -22.33 -20.16 -17.17
C ARG B 485 -23.36 -21.27 -17.03
N PRO B 486 -23.72 -22.08 -18.06
CA PRO B 486 -24.72 -23.13 -17.82
C PRO B 486 -24.28 -24.14 -16.76
N CYS B 487 -22.98 -24.49 -16.71
CA CYS B 487 -22.40 -25.41 -15.73
C CYS B 487 -22.70 -24.85 -14.36
N PHE B 488 -22.24 -23.61 -14.15
CA PHE B 488 -22.34 -22.83 -12.94
C PHE B 488 -23.77 -22.44 -12.58
N SER B 489 -24.50 -21.83 -13.51
CA SER B 489 -25.86 -21.35 -13.24
C SER B 489 -26.87 -22.48 -13.06
N ALA B 490 -26.62 -23.65 -13.67
CA ALA B 490 -27.51 -24.78 -13.47
C ALA B 490 -27.34 -25.44 -12.09
N LEU B 491 -26.11 -25.36 -11.44
CA LEU B 491 -25.79 -25.97 -10.12
C LEU B 491 -26.91 -25.86 -9.09
N GLU B 492 -27.27 -26.97 -8.42
CA GLU B 492 -28.30 -27.01 -7.38
C GLU B 492 -27.63 -27.13 -6.01
N THR C 20 3.71 -16.54 -39.69
CA THR C 20 3.02 -16.86 -40.94
C THR C 20 2.89 -15.61 -41.79
N ARG C 21 3.23 -15.72 -43.08
CA ARG C 21 3.27 -14.61 -44.01
C ARG C 21 2.91 -15.07 -45.44
N VAL C 22 2.49 -14.12 -46.30
CA VAL C 22 2.18 -14.37 -47.72
C VAL C 22 3.11 -13.50 -48.56
N ASP C 23 4.00 -14.10 -49.39
CA ASP C 23 4.92 -13.32 -50.22
C ASP C 23 4.43 -13.17 -51.66
N GLN C 24 4.18 -11.91 -52.07
CA GLN C 24 3.67 -11.53 -53.40
C GLN C 24 4.78 -10.89 -54.24
N THR C 25 4.96 -11.39 -55.49
CA THR C 25 5.96 -10.98 -56.48
C THR C 25 5.34 -10.94 -57.87
N PRO C 26 5.56 -9.86 -58.65
CA PRO C 26 6.32 -8.63 -58.32
C PRO C 26 5.48 -7.60 -57.58
N ARG C 27 6.12 -6.71 -56.82
CA ARG C 27 5.37 -5.67 -56.11
C ARG C 27 5.06 -4.49 -57.00
N THR C 28 5.79 -4.36 -58.10
CA THR C 28 5.50 -3.34 -59.10
C THR C 28 5.66 -3.93 -60.50
N ALA C 29 4.82 -3.50 -61.44
CA ALA C 29 4.97 -3.96 -62.79
C ALA C 29 4.46 -2.92 -63.75
N THR C 30 5.11 -2.79 -64.90
CA THR C 30 4.65 -1.90 -65.95
C THR C 30 4.57 -2.73 -67.22
N ARG C 31 3.42 -2.75 -67.88
CA ARG C 31 3.34 -3.46 -69.12
C ARG C 31 2.78 -2.72 -70.27
N GLU C 32 3.03 -3.18 -71.47
CA GLU C 32 2.52 -2.37 -72.60
C GLU C 32 1.23 -3.10 -72.97
N THR C 33 0.34 -2.43 -73.75
CA THR C 33 -0.94 -2.99 -74.23
C THR C 33 -0.76 -4.31 -74.98
N GLY C 34 -1.64 -5.27 -74.72
CA GLY C 34 -1.63 -6.57 -75.37
C GLY C 34 -0.77 -7.62 -74.72
N GLU C 35 0.04 -7.23 -73.71
CA GLU C 35 0.93 -8.15 -73.00
C GLU C 35 0.22 -8.95 -71.89
N SER C 36 1.02 -9.61 -71.03
CA SER C 36 0.54 -10.41 -69.91
C SER C 36 1.30 -10.10 -68.62
N LEU C 37 0.72 -10.47 -67.47
CA LEU C 37 1.32 -10.34 -66.14
C LEU C 37 0.96 -11.56 -65.30
N THR C 38 1.97 -12.13 -64.61
CA THR C 38 1.82 -13.25 -63.71
C THR C 38 2.24 -12.82 -62.30
N ILE C 39 1.30 -12.84 -61.35
CA ILE C 39 1.57 -12.48 -59.96
C ILE C 39 1.67 -13.81 -59.23
N ASN C 40 2.80 -14.05 -58.55
CA ASN C 40 3.06 -15.29 -57.84
C ASN C 40 3.10 -15.06 -56.33
N CYS C 41 2.19 -15.75 -55.61
CA CYS C 41 2.05 -15.68 -54.15
C CYS C 41 2.41 -16.98 -53.46
N VAL C 42 3.07 -16.87 -52.27
CA VAL C 42 3.52 -18.02 -51.48
C VAL C 42 3.17 -17.87 -49.99
N LEU C 43 2.43 -18.85 -49.45
CA LEU C 43 2.09 -18.92 -48.03
C LEU C 43 3.28 -19.57 -47.32
N THR C 44 4.00 -18.77 -46.50
CA THR C 44 5.22 -19.20 -45.79
C THR C 44 5.09 -19.02 -44.28
N ASP C 45 6.13 -19.47 -43.53
CA ASP C 45 6.22 -19.40 -42.07
C ASP C 45 5.06 -20.07 -41.27
N THR C 46 4.40 -21.08 -41.88
CA THR C 46 3.31 -21.84 -41.27
C THR C 46 3.54 -23.35 -41.39
N SER C 47 2.93 -24.10 -40.49
CA SER C 47 2.97 -25.56 -40.46
C SER C 47 1.66 -26.04 -41.08
N TYR C 48 0.69 -25.11 -41.26
CA TYR C 48 -0.63 -25.41 -41.79
C TYR C 48 -0.79 -25.44 -43.31
N PRO C 49 -1.63 -26.38 -43.83
CA PRO C 49 -1.85 -26.46 -45.28
C PRO C 49 -2.66 -25.31 -45.84
N LEU C 50 -2.51 -25.05 -47.15
CA LEU C 50 -3.22 -23.99 -47.88
C LEU C 50 -4.61 -24.50 -48.24
N TYR C 51 -5.68 -23.74 -47.96
CA TYR C 51 -7.03 -24.18 -48.29
C TYR C 51 -7.59 -23.41 -49.48
N SER C 52 -7.97 -22.15 -49.26
CA SER C 52 -8.50 -21.28 -50.30
C SER C 52 -7.55 -20.12 -50.63
N THR C 53 -7.77 -19.53 -51.81
CA THR C 53 -7.02 -18.41 -52.36
C THR C 53 -8.00 -17.34 -52.84
N TYR C 54 -7.61 -16.06 -52.73
CA TYR C 54 -8.48 -14.95 -53.12
C TYR C 54 -7.67 -13.88 -53.81
N TRP C 55 -8.21 -13.32 -54.90
CA TRP C 55 -7.58 -12.24 -55.63
C TRP C 55 -8.49 -11.03 -55.61
N TYR C 56 -7.92 -9.85 -55.35
CA TYR C 56 -8.64 -8.58 -55.23
C TYR C 56 -8.03 -7.51 -56.13
N ARG C 57 -8.87 -6.56 -56.59
CA ARG C 57 -8.46 -5.44 -57.43
C ARG C 57 -8.83 -4.13 -56.76
N LYS C 58 -7.83 -3.27 -56.52
CA LYS C 58 -8.02 -1.94 -55.95
C LYS C 58 -7.66 -0.93 -57.07
N ASN C 59 -8.69 -0.37 -57.72
CA ASN C 59 -8.58 0.57 -58.84
C ASN C 59 -7.70 1.80 -58.52
N PRO C 60 -7.04 2.46 -59.51
CA PRO C 60 -6.22 3.63 -59.16
C PRO C 60 -7.13 4.74 -58.67
N GLY C 61 -6.85 5.19 -57.47
CA GLY C 61 -7.69 6.19 -56.85
C GLY C 61 -8.98 5.60 -56.34
N SER C 62 -8.87 4.46 -55.65
CA SER C 62 -10.00 3.76 -55.06
C SER C 62 -9.72 3.54 -53.59
N SER C 63 -10.82 3.49 -52.79
CA SER C 63 -10.77 3.27 -51.35
C SER C 63 -11.46 1.93 -50.99
N ASN C 64 -11.77 1.15 -52.04
CA ASN C 64 -12.42 -0.14 -51.95
C ASN C 64 -11.82 -1.13 -52.93
N LYS C 65 -11.51 -2.33 -52.43
CA LYS C 65 -11.02 -3.43 -53.22
C LYS C 65 -12.20 -4.39 -53.47
N GLU C 66 -12.40 -4.77 -54.73
CA GLU C 66 -13.45 -5.70 -55.10
C GLU C 66 -12.77 -7.02 -55.44
N GLN C 67 -13.40 -8.15 -55.07
CA GLN C 67 -12.84 -9.47 -55.35
C GLN C 67 -12.89 -9.75 -56.83
N ILE C 68 -11.89 -10.47 -57.34
CA ILE C 68 -11.80 -10.80 -58.76
C ILE C 68 -12.36 -12.19 -59.05
N SER C 69 -13.36 -12.24 -59.96
CA SER C 69 -13.95 -13.48 -60.44
C SER C 69 -12.95 -14.04 -61.46
N ILE C 70 -12.27 -15.16 -61.13
CA ILE C 70 -11.27 -15.77 -61.99
C ILE C 70 -11.96 -16.35 -63.23
N SER C 71 -11.86 -15.64 -64.36
CA SER C 71 -12.49 -15.97 -65.63
C SER C 71 -11.94 -15.15 -66.80
N GLY C 72 -12.02 -15.73 -68.00
CA GLY C 72 -11.58 -15.10 -69.23
C GLY C 72 -10.10 -14.83 -69.24
N ARG C 73 -9.73 -13.57 -68.98
CA ARG C 73 -8.31 -13.15 -68.94
C ARG C 73 -7.64 -13.65 -67.67
N TYR C 74 -8.41 -13.71 -66.57
CA TYR C 74 -7.95 -14.16 -65.25
C TYR C 74 -7.80 -15.69 -65.21
N VAL C 75 -6.56 -16.16 -65.00
CA VAL C 75 -6.23 -17.58 -64.91
C VAL C 75 -5.38 -17.89 -63.66
N GLU C 76 -5.96 -18.67 -62.73
CA GLU C 76 -5.30 -19.05 -61.49
C GLU C 76 -4.66 -20.43 -61.62
N SER C 77 -3.47 -20.60 -61.02
CA SER C 77 -2.69 -21.83 -61.00
C SER C 77 -2.34 -22.11 -59.53
N VAL C 78 -2.85 -23.23 -58.98
CA VAL C 78 -2.63 -23.59 -57.57
C VAL C 78 -1.79 -24.87 -57.42
N ASN C 79 -0.84 -24.82 -56.47
CA ASN C 79 0.07 -25.90 -56.12
C ASN C 79 0.13 -25.95 -54.60
N LYS C 80 -0.74 -26.78 -54.01
CA LYS C 80 -0.85 -26.91 -52.55
C LYS C 80 0.38 -27.50 -51.86
N GLY C 81 1.17 -28.30 -52.60
CA GLY C 81 2.39 -28.89 -52.07
C GLY C 81 3.44 -27.84 -51.79
N THR C 82 3.71 -26.99 -52.81
CA THR C 82 4.64 -25.87 -52.71
C THR C 82 4.01 -24.73 -51.88
N LYS C 83 2.67 -24.81 -51.67
CA LYS C 83 1.80 -23.84 -50.97
C LYS C 83 1.83 -22.53 -51.76
N SER C 84 1.99 -22.66 -53.09
CA SER C 84 2.11 -21.59 -54.06
C SER C 84 0.84 -21.45 -54.91
N PHE C 85 0.49 -20.19 -55.21
CA PHE C 85 -0.65 -19.86 -56.07
C PHE C 85 -0.35 -18.60 -56.87
N SER C 86 -0.65 -18.63 -58.17
CA SER C 86 -0.38 -17.52 -59.07
C SER C 86 -1.56 -17.12 -59.95
N LEU C 87 -1.64 -15.83 -60.29
CA LEU C 87 -2.67 -15.31 -61.18
C LEU C 87 -2.01 -14.69 -62.39
N ARG C 88 -2.46 -15.08 -63.60
CA ARG C 88 -1.97 -14.53 -64.87
C ARG C 88 -3.07 -13.84 -65.63
N ILE C 89 -2.74 -12.65 -66.20
CA ILE C 89 -3.67 -11.91 -67.04
C ILE C 89 -3.21 -12.05 -68.47
N LYS C 90 -4.06 -12.66 -69.31
CA LYS C 90 -3.79 -12.98 -70.72
C LYS C 90 -3.54 -11.77 -71.58
N ASP C 91 -4.57 -10.93 -71.76
CA ASP C 91 -4.47 -9.73 -72.57
C ASP C 91 -4.53 -8.56 -71.64
N LEU C 92 -3.69 -7.55 -71.89
CA LEU C 92 -3.61 -6.36 -71.06
C LEU C 92 -4.10 -5.10 -71.76
N THR C 93 -4.92 -4.33 -71.06
CA THR C 93 -5.42 -3.06 -71.53
C THR C 93 -5.26 -2.07 -70.41
N VAL C 94 -5.14 -0.80 -70.75
CA VAL C 94 -4.78 0.19 -69.75
C VAL C 94 -5.79 0.16 -68.62
N ALA C 95 -7.03 -0.17 -68.97
CA ALA C 95 -8.12 -0.08 -68.04
C ALA C 95 -7.72 -0.92 -66.89
N ASP C 96 -6.85 -1.87 -67.19
CA ASP C 96 -6.33 -2.78 -66.20
C ASP C 96 -5.51 -2.18 -65.12
N SER C 97 -4.83 -1.07 -65.36
CA SER C 97 -3.93 -0.67 -64.32
C SER C 97 -4.72 -0.55 -63.05
N ALA C 98 -4.17 -1.17 -62.01
CA ALA C 98 -4.73 -1.23 -60.67
C ALA C 98 -3.81 -2.01 -59.72
N THR C 99 -4.12 -1.99 -58.42
CA THR C 99 -3.38 -2.74 -57.42
C THR C 99 -4.03 -4.12 -57.24
N TYR C 100 -3.22 -5.17 -57.31
CA TYR C 100 -3.69 -6.54 -57.19
C TYR C 100 -3.21 -7.18 -55.91
N ILE C 101 -4.16 -7.68 -55.10
CA ILE C 101 -3.84 -8.29 -53.82
C ILE C 101 -4.26 -9.77 -53.78
N CYS C 102 -3.36 -10.62 -53.27
CA CYS C 102 -3.63 -12.03 -53.10
C CYS C 102 -3.84 -12.36 -51.63
N ARG C 103 -4.85 -13.15 -51.36
CA ARG C 103 -5.20 -13.56 -50.02
C ARG C 103 -5.20 -15.08 -49.94
N ALA C 104 -4.60 -15.62 -48.89
CA ALA C 104 -4.50 -17.04 -48.65
C ALA C 104 -5.16 -17.38 -47.35
N MET C 105 -5.96 -18.45 -47.34
CA MET C 105 -6.58 -18.99 -46.14
C MET C 105 -6.07 -20.41 -45.89
N GLY C 106 -5.57 -20.65 -44.68
CA GLY C 106 -5.11 -21.97 -44.26
C GLY C 106 -6.30 -22.81 -43.83
N THR C 107 -6.13 -24.15 -43.74
CA THR C 107 -7.21 -25.05 -43.30
C THR C 107 -7.66 -24.80 -41.85
N ASN C 108 -6.88 -23.98 -41.17
CA ASN C 108 -7.17 -23.51 -39.84
C ASN C 108 -7.71 -22.11 -39.95
N ILE C 109 -7.83 -21.64 -41.18
CA ILE C 109 -8.42 -20.34 -41.45
C ILE C 109 -7.51 -19.13 -41.22
N TRP C 110 -6.23 -19.34 -40.95
CA TRP C 110 -5.40 -18.21 -40.76
C TRP C 110 -5.46 -17.62 -42.12
N THR C 111 -5.79 -16.34 -42.19
CA THR C 111 -6.00 -15.58 -43.41
C THR C 111 -5.05 -14.39 -43.45
N GLY C 112 -4.29 -14.29 -44.54
CA GLY C 112 -3.32 -13.22 -44.74
C GLY C 112 -3.24 -12.69 -46.16
N ASP C 113 -2.71 -11.47 -46.30
CA ASP C 113 -2.59 -10.81 -47.58
C ASP C 113 -1.15 -10.57 -48.02
N GLY C 114 -0.92 -10.72 -49.32
CA GLY C 114 0.35 -10.38 -49.93
C GLY C 114 0.45 -8.87 -49.97
N ALA C 115 1.69 -8.32 -50.03
CA ALA C 115 1.93 -6.87 -50.03
C ALA C 115 1.41 -6.05 -51.21
N GLY C 116 0.87 -6.73 -52.23
CA GLY C 116 0.26 -6.10 -53.39
C GLY C 116 1.15 -6.00 -54.61
N THR C 117 0.53 -5.78 -55.79
CA THR C 117 1.18 -5.60 -57.09
C THR C 117 0.58 -4.38 -57.77
N VAL C 118 1.40 -3.33 -57.97
CA VAL C 118 0.98 -2.11 -58.64
C VAL C 118 1.35 -2.20 -60.10
N LEU C 119 0.38 -2.64 -60.94
CA LEU C 119 0.57 -2.80 -62.38
C LEU C 119 0.13 -1.56 -63.13
N THR C 120 0.99 -1.08 -64.07
CA THR C 120 0.75 0.07 -64.93
C THR C 120 0.75 -0.42 -66.40
N VAL C 121 -0.28 -0.01 -67.16
CA VAL C 121 -0.43 -0.39 -68.56
C VAL C 121 -0.22 0.77 -69.53
N ASN C 122 0.79 0.64 -70.39
CA ASN C 122 1.11 1.63 -71.42
C ASN C 122 0.42 1.25 -72.75
N HIS C 123 0.16 2.26 -73.59
CA HIS C 123 -0.50 2.15 -74.88
C HIS C 123 0.51 1.79 -75.99
N THR D 20 -1.34 21.40 36.51
CA THR D 20 -0.82 21.68 37.84
C THR D 20 0.45 22.54 37.75
N ARG D 21 0.51 23.60 38.57
CA ARG D 21 1.59 24.58 38.54
C ARG D 21 1.86 25.16 39.94
N VAL D 22 3.06 25.73 40.15
CA VAL D 22 3.44 26.39 41.41
C VAL D 22 3.76 27.86 41.07
N ASP D 23 3.01 28.82 41.64
CA ASP D 23 3.27 30.24 41.39
C ASP D 23 4.09 30.91 42.51
N GLN D 24 5.29 31.39 42.16
CA GLN D 24 6.24 32.05 43.06
C GLN D 24 6.29 33.56 42.79
N THR D 25 6.15 34.35 43.88
CA THR D 25 6.13 35.82 43.90
C THR D 25 6.91 36.36 45.11
N PRO D 26 7.80 37.35 44.93
CA PRO D 26 8.17 38.03 43.67
C PRO D 26 9.25 37.28 42.91
N ARG D 27 9.34 37.48 41.58
CA ARG D 27 10.37 36.81 40.80
C ARG D 27 11.70 37.54 40.85
N THR D 28 11.65 38.82 41.27
CA THR D 28 12.77 39.73 41.44
C THR D 28 12.56 40.49 42.75
N ALA D 29 13.63 40.68 43.48
CA ALA D 29 13.55 41.54 44.62
C ALA D 29 14.90 42.10 44.94
N THR D 30 14.91 43.34 45.41
CA THR D 30 16.12 43.97 45.88
C THR D 30 15.86 44.56 47.25
N ARG D 31 16.68 44.21 48.24
CA ARG D 31 16.54 44.84 49.52
C ARG D 31 17.84 45.38 49.98
N GLU D 32 17.79 46.26 50.95
CA GLU D 32 19.02 46.86 51.48
C GLU D 32 19.35 46.02 52.72
N THR D 33 20.58 46.14 53.24
CA THR D 33 21.06 45.43 54.43
C THR D 33 20.16 45.66 55.66
N GLY D 34 19.89 44.60 56.41
CA GLY D 34 19.07 44.65 57.61
C GLY D 34 17.58 44.51 57.41
N GLU D 35 17.12 44.50 56.14
CA GLU D 35 15.70 44.34 55.79
C GLU D 35 15.23 42.87 55.80
N SER D 36 14.03 42.62 55.27
CA SER D 36 13.43 41.29 55.17
C SER D 36 12.83 41.05 53.79
N LEU D 37 12.60 39.77 53.45
CA LEU D 37 11.98 39.32 52.21
C LEU D 37 11.06 38.13 52.49
N THR D 38 9.85 38.18 51.92
CA THR D 38 8.84 37.14 52.01
C THR D 38 8.55 36.62 50.59
N ILE D 39 8.84 35.34 50.35
CA ILE D 39 8.56 34.71 49.06
C ILE D 39 7.30 33.88 49.28
N ASN D 40 6.27 34.13 48.48
CA ASN D 40 4.98 33.47 48.59
C ASN D 40 4.72 32.55 47.39
N CYS D 41 4.55 31.24 47.68
CA CYS D 41 4.29 30.20 46.70
C CYS D 41 2.90 29.58 46.83
N VAL D 42 2.28 29.26 45.66
CA VAL D 42 0.93 28.69 45.60
C VAL D 42 0.85 27.50 44.62
N LEU D 43 0.41 26.33 45.14
CA LEU D 43 0.19 25.14 44.34
C LEU D 43 -1.22 25.28 43.73
N THR D 44 -1.29 25.47 42.40
CA THR D 44 -2.54 25.68 41.66
C THR D 44 -2.76 24.66 40.55
N ASP D 45 -3.93 24.72 39.88
CA ASP D 45 -4.35 23.84 38.78
C ASP D 45 -4.37 22.34 39.12
N THR D 46 -4.56 22.00 40.42
CA THR D 46 -4.64 20.62 40.90
C THR D 46 -5.86 20.36 41.78
N SER D 47 -6.29 19.11 41.82
CA SER D 47 -7.40 18.64 42.63
C SER D 47 -6.78 17.98 43.87
N TYR D 48 -5.45 17.76 43.85
CA TYR D 48 -4.72 17.10 44.93
C TYR D 48 -4.25 17.98 46.08
N PRO D 49 -4.27 17.43 47.32
CA PRO D 49 -3.79 18.22 48.49
C PRO D 49 -2.28 18.42 48.51
N LEU D 50 -1.82 19.48 49.19
CA LEU D 50 -0.41 19.81 49.37
C LEU D 50 0.15 18.95 50.50
N TYR D 51 1.30 18.29 50.29
CA TYR D 51 1.88 17.44 51.33
C TYR D 51 3.09 18.07 51.95
N SER D 52 4.22 18.08 51.23
CA SER D 52 5.46 18.69 51.71
C SER D 52 5.84 19.92 50.87
N THR D 53 6.71 20.75 51.44
CA THR D 53 7.22 21.99 50.85
C THR D 53 8.75 21.97 50.98
N TYR D 54 9.45 22.56 50.01
CA TYR D 54 10.91 22.58 49.99
C TYR D 54 11.41 23.92 49.52
N TRP D 55 12.44 24.44 50.17
CA TRP D 55 13.06 25.69 49.78
C TRP D 55 14.52 25.44 49.46
N TYR D 56 15.00 26.03 48.34
CA TYR D 56 16.36 25.83 47.83
C TYR D 56 17.04 27.17 47.57
N ARG D 57 18.37 27.20 47.69
CA ARG D 57 19.20 28.37 47.44
C ARG D 57 20.24 28.06 46.35
N LYS D 58 20.21 28.83 45.27
CA LYS D 58 21.18 28.73 44.16
C LYS D 58 22.02 30.02 44.18
N ASN D 59 23.24 29.93 44.74
CA ASN D 59 24.19 31.05 44.90
C ASN D 59 24.49 31.79 43.58
N PRO D 60 24.84 33.11 43.59
CA PRO D 60 25.11 33.79 42.31
C PRO D 60 26.34 33.19 41.68
N GLY D 61 26.17 32.69 40.47
CA GLY D 61 27.24 32.02 39.75
C GLY D 61 27.47 30.64 40.31
N SER D 62 26.37 29.89 40.51
CA SER D 62 26.40 28.52 41.01
C SER D 62 25.67 27.62 40.03
N SER D 63 26.08 26.34 39.97
CA SER D 63 25.50 25.33 39.08
C SER D 63 24.80 24.24 39.92
N ASN D 64 24.69 24.49 41.23
CA ASN D 64 24.09 23.60 42.22
C ASN D 64 23.26 24.38 43.22
N LYS D 65 22.04 23.88 43.45
CA LYS D 65 21.12 24.41 44.44
C LYS D 65 21.18 23.49 45.67
N GLU D 66 21.35 24.09 46.83
CA GLU D 66 21.38 23.34 48.08
C GLU D 66 20.06 23.64 48.80
N GLN D 67 19.50 22.63 49.47
CA GLN D 67 18.23 22.78 50.20
C GLN D 67 18.44 23.67 51.41
N ILE D 68 17.42 24.44 51.77
CA ILE D 68 17.50 25.34 52.92
C ILE D 68 16.86 24.73 54.16
N SER D 69 17.66 24.61 55.23
CA SER D 69 17.19 24.15 56.53
C SER D 69 16.46 25.35 57.17
N ILE D 70 15.12 25.26 57.28
CA ILE D 70 14.27 26.33 57.83
C ILE D 70 14.57 26.50 59.32
N SER D 71 15.37 27.53 59.65
CA SER D 71 15.82 27.83 61.01
C SER D 71 16.41 29.24 61.13
N GLY D 72 16.32 29.81 62.33
CA GLY D 72 16.85 31.13 62.65
C GLY D 72 16.19 32.24 61.87
N ARG D 73 16.87 32.71 60.79
CA ARG D 73 16.36 33.76 59.91
C ARG D 73 15.23 33.23 59.02
N TYR D 74 15.35 31.95 58.62
CA TYR D 74 14.39 31.25 57.78
C TYR D 74 13.14 30.87 58.55
N VAL D 75 11.99 31.43 58.15
CA VAL D 75 10.68 31.19 58.76
C VAL D 75 9.61 30.83 57.72
N GLU D 76 9.14 29.57 57.78
CA GLU D 76 8.11 29.08 56.86
C GLU D 76 6.72 29.18 57.49
N SER D 77 5.73 29.54 56.66
CA SER D 77 4.32 29.69 57.03
C SER D 77 3.52 28.85 56.03
N VAL D 78 2.84 27.79 56.51
CA VAL D 78 2.07 26.89 55.64
C VAL D 78 0.56 26.96 55.93
N ASN D 79 -0.24 26.96 54.85
CA ASN D 79 -1.69 26.99 54.86
C ASN D 79 -2.16 25.98 53.81
N LYS D 80 -2.41 24.74 54.25
CA LYS D 80 -2.81 23.65 53.37
C LYS D 80 -4.18 23.83 52.70
N GLY D 81 -5.07 24.57 53.34
CA GLY D 81 -6.39 24.85 52.80
C GLY D 81 -6.31 25.70 51.56
N THR D 82 -5.57 26.83 51.64
CA THR D 82 -5.33 27.75 50.52
C THR D 82 -4.30 27.13 49.56
N LYS D 83 -3.59 26.07 50.04
CA LYS D 83 -2.52 25.34 49.37
C LYS D 83 -1.34 26.30 49.14
N SER D 84 -1.21 27.26 50.07
CA SER D 84 -0.22 28.33 50.07
C SER D 84 0.87 28.10 51.09
N PHE D 85 2.11 28.45 50.72
CA PHE D 85 3.28 28.37 51.59
C PHE D 85 4.25 29.49 51.29
N SER D 86 4.76 30.15 52.34
CA SER D 86 5.67 31.27 52.20
C SER D 86 6.93 31.17 53.08
N LEU D 87 8.05 31.74 52.60
CA LEU D 87 9.28 31.79 53.35
C LEU D 87 9.67 33.24 53.57
N ARG D 88 9.92 33.62 54.84
CA ARG D 88 10.39 34.96 55.19
C ARG D 88 11.83 34.90 55.75
N ILE D 89 12.75 35.76 55.22
CA ILE D 89 14.15 35.86 55.68
C ILE D 89 14.29 37.16 56.54
N LYS D 90 14.40 37.00 57.88
CA LYS D 90 14.43 38.07 58.89
C LYS D 90 15.47 39.17 58.67
N ASP D 91 16.75 38.82 58.68
CA ASP D 91 17.80 39.81 58.51
C ASP D 91 18.48 39.60 57.18
N LEU D 92 18.57 40.66 56.42
CA LEU D 92 19.07 40.54 55.11
C LEU D 92 20.47 41.06 55.09
N THR D 93 21.33 40.30 54.45
CA THR D 93 22.74 40.57 54.37
C THR D 93 23.15 40.41 52.94
N VAL D 94 24.34 40.85 52.58
CA VAL D 94 24.82 40.73 51.22
C VAL D 94 24.96 39.26 50.82
N ALA D 95 25.42 38.45 51.76
CA ALA D 95 25.75 37.05 51.51
C ALA D 95 24.57 36.29 50.94
N ASP D 96 23.39 36.71 51.36
CA ASP D 96 22.13 36.15 50.93
C ASP D 96 21.82 36.31 49.48
N SER D 97 22.31 37.37 48.89
CA SER D 97 22.04 37.58 47.46
C SER D 97 22.21 36.23 46.76
N ALA D 98 21.09 35.64 46.30
CA ALA D 98 21.01 34.33 45.63
C ALA D 98 19.61 34.10 45.03
N THR D 99 19.46 33.02 44.25
CA THR D 99 18.18 32.62 43.68
C THR D 99 17.49 31.65 44.65
N TYR D 100 16.22 31.93 44.97
CA TYR D 100 15.45 31.11 45.88
C TYR D 100 14.33 30.39 45.16
N ILE D 101 14.31 29.06 45.29
CA ILE D 101 13.31 28.22 44.63
C ILE D 101 12.44 27.47 45.64
N CYS D 102 11.12 27.49 45.41
CA CYS D 102 10.17 26.75 46.23
C CYS D 102 9.65 25.53 45.50
N ARG D 103 9.61 24.42 46.21
CA ARG D 103 9.15 23.16 45.65
C ARG D 103 7.99 22.65 46.49
N ALA D 104 6.93 22.19 45.80
CA ALA D 104 5.74 21.66 46.43
C ALA D 104 5.51 20.23 46.00
N MET D 105 5.13 19.39 46.94
CA MET D 105 4.79 18.00 46.66
C MET D 105 3.38 17.72 47.14
N GLY D 106 2.55 17.22 46.23
CA GLY D 106 1.19 16.82 46.52
C GLY D 106 1.19 15.42 47.13
N THR D 107 0.03 14.98 47.65
CA THR D 107 -0.09 13.65 48.25
C THR D 107 0.06 12.49 47.24
N ASN D 108 0.00 12.80 45.95
CA ASN D 108 0.25 11.84 44.90
C ASN D 108 1.70 11.86 44.47
N ILE D 109 2.46 12.78 45.05
CA ILE D 109 3.87 12.95 44.72
C ILE D 109 4.12 13.88 43.54
N TRP D 110 3.07 14.53 43.01
CA TRP D 110 3.31 15.45 41.92
C TRP D 110 4.08 16.55 42.54
N THR D 111 5.30 16.73 42.03
CA THR D 111 6.34 17.61 42.54
C THR D 111 6.66 18.66 41.49
N GLY D 112 6.57 19.92 41.89
CA GLY D 112 6.83 21.04 41.00
C GLY D 112 7.57 22.19 41.65
N ASP D 113 8.20 23.02 40.82
CA ASP D 113 8.97 24.16 41.28
C ASP D 113 8.39 25.49 40.84
N GLY D 114 8.48 26.48 41.72
CA GLY D 114 8.15 27.85 41.39
C GLY D 114 9.26 28.40 40.49
N ALA D 115 8.95 29.44 39.70
CA ALA D 115 9.90 30.03 38.74
C ALA D 115 11.14 30.72 39.32
N GLY D 116 11.21 30.84 40.65
CA GLY D 116 12.37 31.40 41.33
C GLY D 116 12.25 32.84 41.73
N THR D 117 13.11 33.27 42.69
CA THR D 117 13.21 34.65 43.20
C THR D 117 14.67 35.06 43.23
N VAL D 118 15.02 36.06 42.40
CA VAL D 118 16.38 36.60 42.33
C VAL D 118 16.48 37.80 43.25
N LEU D 119 16.94 37.56 44.49
CA LEU D 119 17.11 38.60 45.50
C LEU D 119 18.51 39.19 45.50
N THR D 120 18.61 40.53 45.50
CA THR D 120 19.85 41.30 45.55
C THR D 120 19.88 42.13 46.81
N VAL D 121 20.92 41.95 47.63
CA VAL D 121 21.13 42.65 48.89
C VAL D 121 22.25 43.67 48.71
N ASN D 122 21.90 44.93 48.96
CA ASN D 122 22.80 46.08 48.82
C ASN D 122 23.02 46.81 50.14
N HIS D 123 24.07 47.66 50.19
CA HIS D 123 24.44 48.46 51.36
C HIS D 123 24.78 49.90 50.94
#